data_7CMH
#
_entry.id   7CMH
#
_cell.length_a   1.00
_cell.length_b   1.00
_cell.length_c   1.00
_cell.angle_alpha   90.00
_cell.angle_beta   90.00
_cell.angle_gamma   90.00
#
_symmetry.space_group_name_H-M   'P 1'
#
loop_
_entity.id
_entity.type
_entity.pdbx_description
1 polymer '4F2 cell-surface antigen heavy chain'
2 polymer 'Large neutral amino acids transporter small subunit 2'
3 branched 2-acetamido-2-deoxy-beta-D-glucopyranose-(1-4)-2-acetamido-2-deoxy-beta-D-glucopyranose
4 non-polymer TRYPTOPHAN
5 non-polymer 1,2-DIACYL-GLYCEROL-3-SN-PHOSPHATE
#
loop_
_entity_poly.entity_id
_entity_poly.type
_entity_poly.pdbx_seq_one_letter_code
_entity_poly.pdbx_strand_id
1 'polypeptide(L)'
;MAHHHHHHHHHHSGRELQPPEASIAVVSIPRQLPGSHSEAGVQGLSAGDDSETGSDCVTQAGLQLLASSDPPALASKNAE
VTVETGFHHVSQADIEFLTSIDPTASASGSAGITGTMSQDTEVDMKEVELNELEPEKQPMNAASGAAMSLAGAEKNGLVK
IKVAEDEAEAAAAAKFTGLSKEELLKVAGSPGWVRTRWALLLLFWLGWLGMLAGAVVIIVRAPRCRELPAQKWWHTGALY
RIGDLQAFQGHGAGNLAGLKGRLDYLSSLKVKGLVLGPIHKNQKDDVAQTDLLQIDPNFGSKEDFDSLLQSAKKKSIRVI
LDLTPNYRGENSWFSTQVDTVATKVKDALEFWLQAGVDGFQVRDIENLKDASSFLAEWQNITKGFSEDRLLIAGTNSSDL
QQILSLLESNKDLLLTSSYLSDSGSTGEHTKSLVTQYLNATGNRWCSWSLSQARLLTSFLPAQLLRLYQLMLFTLPGTPV
FSYGDEIGLDAAALPGQPMEAPVMLWDESSFPDIPGAVSANMTVKGQSEDPGSLLSLFRRLSDQRSKERSLLHGDFHAFS
AGPGLFSYIRHWDQNERFLVVLNFGDVGLSAGLQASDLPASASLPAKADLLLSTQPGREEGSPLELERLKLEPHEGLLLR
FPYAALE
;
A
2 'polypeptide(L)'
;MADYKDDDDKSGPDEVDASGREEGARHRNNTEKKHPGGGESDASPEAGSGGGGVALKKEIGLVSACGIIVGNIIGSGIFV
SPKGVLENAGSVGLALIVWIVTGFITVVGALCYAELGVTIPKSGGDYSYVKDIFGGLAGFLRLWIAVLVIYPTNQAVIAL
TFSNYVLQPLFPTCFPPESGLRLLAAICLLLLTWVNCSSVRWATRVQDIFTAGKLLALALIIIMGIVQICKGEYFWLEPK
NAFENFQEPDIGLVALAFLQGSFAYGGWNFLNYVTEELVDPYKNLPRAIFISIPLVTFVYVFANVAYVTAMSPQELLASN
AVAVTFGEKLLGVMAWIMPISVALSTFGGVNGSLFTSSRLFFAGAREGHLPSVLAMIHVKRCTPIPALLFTCISTLLMLV
TSDMYTLINYVGFINYLFYGVTVAGQIVLRWKKPDIPRPIKINLLFPIIYLLFWAFLLVFSLWSEPVVCGIGLAIMLTGV
PVYFLGVYWQHKPKCFSDFIELLTLVSQKMCVVVYPEVERGSGTEEANEDMEEQQQPMYQPTPTKDKDVAGQPQP
;
B
#
loop_
_chem_comp.id
_chem_comp.type
_chem_comp.name
_chem_comp.formula
3PH non-polymer 1,2-DIACYL-GLYCEROL-3-SN-PHOSPHATE 'C39 H77 O8 P'
NAG D-saccharide, beta linking 2-acetamido-2-deoxy-beta-D-glucopyranose 'C8 H15 N O6'
#
# COMPACT_ATOMS: atom_id res chain seq x y z
N THR A 177 37.41 34.67 -19.86
CA THR A 177 37.17 33.46 -19.06
C THR A 177 38.17 33.36 -17.91
N GLY A 178 38.46 32.13 -17.50
CA GLY A 178 39.36 31.90 -16.39
C GLY A 178 40.45 30.86 -16.66
N LEU A 179 40.56 30.45 -17.92
CA LEU A 179 41.43 29.37 -18.36
C LEU A 179 42.90 29.69 -18.10
N SER A 180 43.73 28.65 -18.07
CA SER A 180 45.16 28.88 -18.25
C SER A 180 45.64 28.63 -19.67
N LYS A 181 45.77 27.36 -20.09
CA LYS A 181 46.07 26.84 -21.43
C LYS A 181 46.17 25.33 -21.24
N GLU A 182 46.05 24.52 -22.29
CA GLU A 182 46.41 23.11 -22.18
C GLU A 182 47.90 22.94 -21.95
N GLU A 183 48.73 23.58 -22.78
CA GLU A 183 50.17 23.33 -22.76
C GLU A 183 50.84 24.02 -21.57
N LEU A 184 50.32 25.18 -21.17
CA LEU A 184 50.89 25.88 -20.01
C LEU A 184 50.58 25.13 -18.72
N LEU A 185 49.48 24.37 -18.70
CA LEU A 185 49.13 23.60 -17.50
C LEU A 185 50.12 22.46 -17.27
N LYS A 186 50.46 21.73 -18.32
CA LYS A 186 51.21 20.48 -18.13
C LYS A 186 52.69 20.75 -17.83
N VAL A 187 53.15 21.98 -18.09
CA VAL A 187 54.50 22.34 -17.66
C VAL A 187 54.46 22.92 -16.25
N ALA A 188 53.27 23.28 -15.77
CA ALA A 188 53.15 23.83 -14.42
C ALA A 188 52.49 22.85 -13.47
N GLY A 189 51.53 22.07 -13.97
CA GLY A 189 50.87 21.09 -13.12
C GLY A 189 51.71 19.86 -12.90
N SER A 190 51.44 19.19 -11.78
CA SER A 190 52.09 18.01 -11.23
C SER A 190 53.63 18.00 -11.16
N PRO A 191 54.31 18.94 -10.51
CA PRO A 191 55.64 18.59 -9.98
C PRO A 191 55.56 17.86 -8.64
N GLY A 192 54.66 18.28 -7.77
CA GLY A 192 54.45 17.67 -6.48
C GLY A 192 52.96 17.53 -6.21
N TRP A 193 52.16 18.07 -7.13
CA TRP A 193 50.72 17.85 -7.11
C TRP A 193 50.34 16.45 -7.54
N VAL A 194 51.25 15.73 -8.21
CA VAL A 194 51.01 14.35 -8.56
C VAL A 194 51.07 13.46 -7.31
N ARG A 195 51.78 13.91 -6.27
CA ARG A 195 51.76 13.19 -5.01
C ARG A 195 50.42 13.34 -4.32
N THR A 196 49.81 14.52 -4.40
CA THR A 196 48.51 14.74 -3.76
C THR A 196 47.37 14.22 -4.61
N ARG A 197 47.62 13.97 -5.89
CA ARG A 197 46.57 13.43 -6.75
C ARG A 197 46.49 11.91 -6.63
N TRP A 198 47.62 11.27 -6.34
CA TRP A 198 47.59 9.82 -6.08
C TRP A 198 47.09 9.53 -4.67
N ALA A 199 47.45 10.38 -3.71
CA ALA A 199 47.11 10.11 -2.31
C ALA A 199 45.64 10.37 -2.04
N LEU A 200 45.06 11.35 -2.72
CA LEU A 200 43.63 11.62 -2.56
C LEU A 200 42.78 10.66 -3.39
N LEU A 201 43.36 10.03 -4.42
CA LEU A 201 42.64 9.02 -5.17
C LEU A 201 42.49 7.73 -4.38
N LEU A 202 43.42 7.44 -3.47
CA LEU A 202 43.30 6.28 -2.61
C LEU A 202 42.48 6.58 -1.36
N LEU A 203 42.36 7.84 -0.96
CA LEU A 203 41.53 8.17 0.20
C LEU A 203 40.05 8.05 -0.14
N PHE A 204 39.66 8.27 -1.39
CA PHE A 204 38.30 7.99 -1.81
C PHE A 204 38.05 6.49 -1.85
N TRP A 205 38.96 5.73 -2.45
CA TRP A 205 38.77 4.30 -2.64
C TRP A 205 38.95 3.49 -1.37
N LEU A 206 39.51 4.08 -0.31
CA LEU A 206 39.59 3.43 0.99
C LEU A 206 38.39 3.77 1.86
N GLY A 207 37.89 5.00 1.78
CA GLY A 207 36.66 5.36 2.43
C GLY A 207 35.43 4.71 1.83
N TRP A 208 35.51 4.25 0.57
CA TRP A 208 34.40 3.53 -0.02
C TRP A 208 34.35 2.08 0.43
N LEU A 209 35.49 1.50 0.81
CA LEU A 209 35.47 0.17 1.42
C LEU A 209 35.11 0.24 2.89
N GLY A 210 35.38 1.37 3.54
CA GLY A 210 34.86 1.60 4.87
C GLY A 210 33.37 1.87 4.88
N MET A 211 32.84 2.42 3.79
CA MET A 211 31.40 2.59 3.65
C MET A 211 30.71 1.30 3.22
N LEU A 212 31.46 0.35 2.67
CA LEU A 212 30.90 -0.92 2.23
C LEU A 212 30.84 -1.92 3.38
N ALA A 213 31.90 -2.02 4.17
CA ALA A 213 31.88 -2.87 5.35
C ALA A 213 31.02 -2.28 6.45
N GLY A 214 30.89 -0.95 6.51
CA GLY A 214 30.00 -0.34 7.49
C GLY A 214 28.54 -0.42 7.12
N ALA A 215 28.22 -0.87 5.90
CA ALA A 215 26.85 -1.08 5.48
C ALA A 215 26.45 -2.54 5.43
N VAL A 216 27.39 -3.45 5.67
CA VAL A 216 27.06 -4.86 5.84
C VAL A 216 26.88 -5.17 7.32
N VAL A 217 27.67 -4.51 8.17
CA VAL A 217 27.56 -4.62 9.62
C VAL A 217 26.19 -4.15 10.13
N ILE A 218 25.64 -3.10 9.53
CA ILE A 218 24.33 -2.59 9.95
C ILE A 218 23.23 -3.58 9.60
N ILE A 219 23.37 -4.29 8.47
CA ILE A 219 22.36 -5.25 8.04
C ILE A 219 22.34 -6.46 8.97
N VAL A 220 23.52 -6.94 9.37
CA VAL A 220 23.59 -8.08 10.27
C VAL A 220 23.14 -7.69 11.68
N ARG A 221 23.53 -6.51 12.14
CA ARG A 221 23.09 -6.02 13.45
C ARG A 221 21.62 -5.64 13.48
N ALA A 222 20.99 -5.38 12.34
CA ALA A 222 19.53 -5.33 12.29
C ALA A 222 18.98 -6.73 12.52
N PRO A 223 18.11 -6.92 13.54
CA PRO A 223 17.94 -8.26 14.14
C PRO A 223 17.38 -9.35 13.25
N ARG A 224 16.10 -9.25 12.91
CA ARG A 224 15.34 -10.21 12.13
C ARG A 224 13.91 -9.66 12.08
N CYS A 225 13.04 -10.34 11.36
CA CYS A 225 11.61 -10.23 11.60
C CYS A 225 10.97 -11.61 11.73
N ARG A 226 9.86 -11.67 12.45
CA ARG A 226 9.24 -12.93 12.81
C ARG A 226 8.52 -13.54 11.61
N GLU A 227 8.60 -14.86 11.49
CA GLU A 227 7.88 -15.53 10.44
C GLU A 227 6.38 -15.54 10.73
N LEU A 228 5.60 -15.27 9.70
CA LEU A 228 4.15 -15.22 9.85
C LEU A 228 3.60 -16.63 10.07
N PRO A 229 2.66 -16.79 10.99
CA PRO A 229 2.06 -18.11 11.23
C PRO A 229 1.18 -18.52 10.06
N ALA A 230 1.03 -19.84 9.93
CA ALA A 230 0.21 -20.41 8.87
C ALA A 230 -1.26 -20.12 9.18
N GLN A 231 -1.79 -19.09 8.54
CA GLN A 231 -3.14 -18.61 8.80
C GLN A 231 -4.12 -19.37 7.92
N LYS A 232 -5.11 -20.00 8.53
CA LYS A 232 -6.21 -20.60 7.82
C LYS A 232 -7.22 -19.52 7.45
N TRP A 233 -8.34 -19.93 6.87
CA TRP A 233 -9.29 -18.91 6.42
C TRP A 233 -10.14 -18.37 7.55
N TRP A 234 -10.42 -19.17 8.58
CA TRP A 234 -11.19 -18.67 9.71
C TRP A 234 -10.35 -17.89 10.70
N HIS A 235 -9.02 -17.93 10.57
CA HIS A 235 -8.17 -17.12 11.43
C HIS A 235 -8.30 -15.64 11.08
N THR A 236 -8.60 -15.33 9.82
CA THR A 236 -8.59 -13.97 9.30
C THR A 236 -10.02 -13.53 9.01
N GLY A 237 -10.69 -12.98 10.01
CA GLY A 237 -12.06 -12.53 9.86
C GLY A 237 -12.98 -13.15 10.91
N ALA A 238 -14.27 -12.97 10.67
CA ALA A 238 -15.31 -13.37 11.61
C ALA A 238 -16.28 -14.31 10.93
N LEU A 239 -16.89 -15.21 11.71
CA LEU A 239 -17.96 -16.03 11.20
C LEU A 239 -19.32 -15.37 11.47
N TYR A 240 -20.36 -15.91 10.83
CA TYR A 240 -21.68 -15.31 10.85
C TYR A 240 -22.74 -16.40 10.89
N ARG A 241 -23.26 -16.69 12.08
CA ARG A 241 -24.23 -17.77 12.25
C ARG A 241 -25.58 -17.33 11.71
N ILE A 242 -26.17 -18.15 10.86
CA ILE A 242 -27.51 -17.91 10.32
C ILE A 242 -28.38 -19.07 10.78
N GLY A 243 -29.17 -18.84 11.83
CA GLY A 243 -29.96 -19.90 12.40
C GLY A 243 -31.16 -20.31 11.55
N ASP A 244 -32.11 -19.40 11.37
CA ASP A 244 -33.33 -19.67 10.63
C ASP A 244 -33.24 -19.01 9.26
N LEU A 245 -33.35 -19.81 8.21
CA LEU A 245 -33.29 -19.26 6.86
C LEU A 245 -34.57 -18.54 6.49
N GLN A 246 -35.72 -19.01 6.97
CA GLN A 246 -36.98 -18.38 6.63
C GLN A 246 -37.16 -17.04 7.33
N ALA A 247 -36.50 -16.82 8.46
CA ALA A 247 -36.61 -15.56 9.17
C ALA A 247 -35.47 -14.60 8.85
N PHE A 248 -34.48 -15.05 8.08
CA PHE A 248 -33.37 -14.16 7.73
C PHE A 248 -33.77 -13.17 6.64
N GLN A 249 -34.52 -13.63 5.64
CA GLN A 249 -34.97 -12.75 4.57
C GLN A 249 -36.47 -12.49 4.61
N GLY A 250 -37.25 -13.32 5.28
CA GLY A 250 -38.68 -13.18 5.34
C GLY A 250 -39.40 -14.39 4.77
N HIS A 251 -40.66 -14.55 5.23
CA HIS A 251 -41.45 -15.72 4.87
C HIS A 251 -41.94 -15.70 3.43
N GLY A 252 -41.92 -14.55 2.77
CA GLY A 252 -42.31 -14.50 1.37
C GLY A 252 -41.23 -15.05 0.46
N ALA A 253 -39.98 -14.63 0.67
CA ALA A 253 -38.85 -15.04 -0.14
C ALA A 253 -37.94 -16.03 0.59
N GLY A 254 -38.50 -16.83 1.49
CA GLY A 254 -37.68 -17.73 2.28
C GLY A 254 -37.35 -19.03 1.58
N ASN A 255 -36.12 -19.13 1.08
CA ASN A 255 -35.63 -20.31 0.37
C ASN A 255 -34.11 -20.30 0.44
N LEU A 256 -33.51 -21.39 -0.03
CA LEU A 256 -32.07 -21.41 -0.22
C LEU A 256 -31.68 -20.53 -1.40
N ALA A 257 -32.54 -20.44 -2.40
CA ALA A 257 -32.27 -19.58 -3.55
C ALA A 257 -32.40 -18.11 -3.19
N GLY A 258 -33.28 -17.78 -2.24
CA GLY A 258 -33.37 -16.41 -1.77
C GLY A 258 -32.21 -15.99 -0.89
N LEU A 259 -31.48 -16.96 -0.33
CA LEU A 259 -30.27 -16.65 0.43
C LEU A 259 -29.17 -16.12 -0.49
N LYS A 260 -29.16 -16.54 -1.74
CA LYS A 260 -28.13 -16.14 -2.70
C LYS A 260 -28.15 -14.65 -3.00
N GLY A 261 -29.33 -14.02 -2.89
CA GLY A 261 -29.43 -12.59 -3.12
C GLY A 261 -28.82 -11.75 -2.01
N ARG A 262 -28.65 -12.31 -0.82
CA ARG A 262 -28.10 -11.58 0.31
C ARG A 262 -26.59 -11.74 0.46
N LEU A 263 -25.93 -12.48 -0.45
CA LEU A 263 -24.49 -12.63 -0.40
C LEU A 263 -23.73 -11.34 -0.65
N ASP A 264 -24.34 -10.39 -1.36
CA ASP A 264 -23.69 -9.09 -1.56
C ASP A 264 -23.71 -8.27 -0.27
N TYR A 265 -24.69 -8.50 0.60
CA TYR A 265 -24.77 -7.77 1.86
C TYR A 265 -23.72 -8.26 2.85
N LEU A 266 -23.51 -9.57 2.91
CA LEU A 266 -22.57 -10.13 3.87
C LEU A 266 -21.12 -9.85 3.47
N SER A 267 -20.86 -9.70 2.17
CA SER A 267 -19.52 -9.32 1.73
C SER A 267 -19.18 -7.87 2.09
N SER A 268 -20.19 -7.04 2.31
CA SER A 268 -19.95 -5.70 2.84
C SER A 268 -19.57 -5.77 4.32
N LEU A 269 -20.10 -6.75 5.05
CA LEU A 269 -19.70 -6.99 6.43
C LEU A 269 -18.32 -7.61 6.55
N LYS A 270 -17.77 -8.12 5.45
CA LYS A 270 -16.45 -8.76 5.38
C LYS A 270 -16.35 -9.96 6.32
N VAL A 271 -17.47 -10.68 6.48
CA VAL A 271 -17.43 -11.95 7.17
C VAL A 271 -16.85 -13.01 6.24
N LYS A 272 -16.27 -14.04 6.85
CA LYS A 272 -15.65 -15.13 6.08
C LYS A 272 -16.38 -16.44 6.29
N GLY A 273 -17.37 -16.47 7.16
CA GLY A 273 -18.10 -17.70 7.43
C GLY A 273 -19.58 -17.51 7.18
N LEU A 274 -20.24 -18.61 6.87
CA LEU A 274 -21.67 -18.63 6.54
C LEU A 274 -22.35 -19.79 7.24
N VAL A 275 -22.23 -19.84 8.56
CA VAL A 275 -22.66 -21.01 9.32
C VAL A 275 -24.17 -21.04 9.35
N LEU A 276 -24.77 -21.71 8.37
CA LEU A 276 -26.21 -21.70 8.18
C LEU A 276 -26.86 -22.87 8.91
N GLY A 277 -28.16 -22.74 9.14
CA GLY A 277 -28.91 -23.67 9.94
C GLY A 277 -29.08 -25.02 9.27
N PRO A 278 -29.46 -26.03 10.07
CA PRO A 278 -29.53 -27.39 9.54
C PRO A 278 -30.79 -27.58 8.70
N ILE A 279 -30.62 -28.26 7.57
CA ILE A 279 -31.66 -28.33 6.54
C ILE A 279 -31.93 -29.77 6.10
N HIS A 280 -31.77 -30.73 7.00
CA HIS A 280 -31.73 -32.14 6.61
C HIS A 280 -33.00 -32.92 6.94
N LYS A 281 -34.17 -32.30 6.78
CA LYS A 281 -35.53 -32.86 6.89
C LYS A 281 -35.72 -33.73 8.14
N ASN A 282 -35.63 -33.05 9.29
CA ASN A 282 -35.92 -33.71 10.56
C ASN A 282 -37.41 -34.01 10.67
N GLN A 283 -37.75 -35.08 11.39
CA GLN A 283 -39.11 -35.58 11.47
C GLN A 283 -39.60 -35.64 12.92
N LYS A 284 -39.09 -34.75 13.78
CA LYS A 284 -39.59 -34.48 15.13
C LYS A 284 -39.57 -35.74 16.01
N ASP A 285 -38.35 -36.15 16.34
CA ASP A 285 -38.03 -37.27 17.24
C ASP A 285 -38.46 -38.61 16.64
N ASP A 286 -37.96 -38.89 15.44
CA ASP A 286 -38.02 -40.22 14.84
C ASP A 286 -36.65 -40.46 14.24
N VAL A 287 -35.86 -41.31 14.89
CA VAL A 287 -34.47 -41.53 14.52
C VAL A 287 -34.31 -42.17 13.15
N ALA A 288 -35.26 -43.01 12.73
CA ALA A 288 -35.16 -43.70 11.46
C ALA A 288 -35.51 -42.82 10.27
N GLN A 289 -36.12 -41.65 10.49
CA GLN A 289 -36.63 -40.85 9.39
C GLN A 289 -35.91 -39.51 9.21
N THR A 290 -34.87 -39.23 10.00
CA THR A 290 -34.07 -38.02 9.79
C THR A 290 -32.75 -38.39 9.13
N ASP A 291 -32.78 -38.48 7.80
CA ASP A 291 -31.59 -38.76 7.01
C ASP A 291 -30.83 -37.46 6.81
N LEU A 292 -29.54 -37.46 7.19
CA LEU A 292 -28.74 -36.26 7.05
C LEU A 292 -28.23 -36.04 5.63
N LEU A 293 -28.47 -36.98 4.72
CA LEU A 293 -27.97 -36.84 3.36
C LEU A 293 -28.92 -36.06 2.46
N GLN A 294 -30.18 -35.90 2.87
CA GLN A 294 -31.22 -35.38 2.00
C GLN A 294 -31.76 -34.07 2.55
N ILE A 295 -31.78 -33.05 1.70
CA ILE A 295 -32.21 -31.72 2.09
C ILE A 295 -33.73 -31.68 2.16
N ASP A 296 -34.25 -30.87 3.09
CA ASP A 296 -35.68 -30.73 3.26
C ASP A 296 -36.28 -30.05 2.03
N PRO A 297 -37.41 -30.54 1.50
CA PRO A 297 -38.02 -29.89 0.33
C PRO A 297 -38.56 -28.49 0.59
N ASN A 298 -38.73 -28.09 1.86
CA ASN A 298 -39.20 -26.73 2.14
C ASN A 298 -38.10 -25.71 1.93
N PHE A 299 -36.85 -26.14 1.80
CA PHE A 299 -35.74 -25.22 1.61
C PHE A 299 -35.25 -25.16 0.18
N GLY A 300 -35.44 -26.22 -0.59
CA GLY A 300 -34.99 -26.24 -1.97
C GLY A 300 -34.67 -27.62 -2.49
N SER A 301 -33.48 -27.78 -3.06
CA SER A 301 -33.06 -29.05 -3.64
C SER A 301 -31.56 -29.24 -3.48
N LYS A 302 -31.00 -30.20 -4.21
CA LYS A 302 -29.55 -30.34 -4.25
C LYS A 302 -28.92 -29.36 -5.23
N GLU A 303 -29.63 -29.03 -6.31
CA GLU A 303 -29.05 -28.25 -7.38
C GLU A 303 -28.88 -26.78 -7.03
N ASP A 304 -29.78 -26.22 -6.22
CA ASP A 304 -29.59 -24.84 -5.80
C ASP A 304 -28.61 -24.71 -4.66
N PHE A 305 -28.30 -25.79 -3.94
CA PHE A 305 -27.32 -25.71 -2.87
C PHE A 305 -25.90 -25.58 -3.40
N ASP A 306 -25.54 -26.35 -4.43
CA ASP A 306 -24.19 -26.24 -4.96
C ASP A 306 -23.97 -24.95 -5.73
N SER A 307 -25.02 -24.42 -6.38
CA SER A 307 -24.88 -23.13 -7.04
C SER A 307 -24.88 -22.00 -6.02
N LEU A 308 -25.42 -22.24 -4.82
CA LEU A 308 -25.18 -21.32 -3.71
C LEU A 308 -23.72 -21.38 -3.28
N LEU A 309 -23.15 -22.58 -3.22
CA LEU A 309 -21.73 -22.72 -2.91
C LEU A 309 -20.86 -22.21 -4.05
N GLN A 310 -21.33 -22.32 -5.29
CA GLN A 310 -20.60 -21.77 -6.42
C GLN A 310 -20.69 -20.25 -6.45
N SER A 311 -21.81 -19.69 -5.99
CA SER A 311 -21.93 -18.24 -5.94
C SER A 311 -21.13 -17.64 -4.79
N ALA A 312 -21.07 -18.34 -3.66
CA ALA A 312 -20.30 -17.86 -2.52
C ALA A 312 -18.80 -18.01 -2.73
N LYS A 313 -18.38 -18.92 -3.61
CA LYS A 313 -16.95 -19.11 -3.87
C LYS A 313 -16.37 -17.94 -4.66
N LYS A 314 -17.18 -17.27 -5.46
CA LYS A 314 -16.68 -16.13 -6.23
C LYS A 314 -16.46 -14.90 -5.34
N LYS A 315 -17.28 -14.75 -4.30
CA LYS A 315 -17.13 -13.65 -3.36
C LYS A 315 -16.24 -13.99 -2.18
N SER A 316 -15.66 -15.20 -2.18
CA SER A 316 -14.77 -15.72 -1.13
C SER A 316 -15.46 -15.75 0.24
N ILE A 317 -16.65 -16.35 0.29
CA ILE A 317 -17.39 -16.55 1.53
C ILE A 317 -17.58 -18.05 1.70
N ARG A 318 -17.15 -18.57 2.84
CA ARG A 318 -17.11 -20.00 3.09
C ARG A 318 -18.36 -20.45 3.82
N VAL A 319 -18.98 -21.52 3.32
CA VAL A 319 -20.28 -21.99 3.79
C VAL A 319 -20.06 -23.18 4.70
N ILE A 320 -20.56 -23.09 5.93
CA ILE A 320 -20.45 -24.14 6.94
C ILE A 320 -21.85 -24.65 7.25
N LEU A 321 -22.07 -25.93 7.00
CA LEU A 321 -23.36 -26.56 7.25
C LEU A 321 -23.29 -27.31 8.57
N ASP A 322 -24.29 -27.14 9.43
CA ASP A 322 -24.27 -27.85 10.69
C ASP A 322 -25.16 -29.09 10.63
N LEU A 323 -24.82 -30.08 11.44
CA LEU A 323 -25.45 -31.39 11.38
C LEU A 323 -25.96 -31.81 12.75
N THR A 324 -26.52 -30.88 13.51
CA THR A 324 -27.24 -31.26 14.72
C THR A 324 -28.54 -31.92 14.29
N PRO A 325 -28.74 -33.21 14.56
CA PRO A 325 -29.83 -33.93 13.86
C PRO A 325 -31.22 -33.57 14.33
N ASN A 326 -31.46 -33.49 15.64
CA ASN A 326 -32.78 -33.19 16.17
C ASN A 326 -32.82 -31.71 16.54
N TYR A 327 -32.94 -30.87 15.51
CA TYR A 327 -32.88 -29.43 15.73
C TYR A 327 -34.25 -28.79 15.95
N ARG A 328 -35.33 -29.52 15.72
CA ARG A 328 -36.66 -28.98 16.01
C ARG A 328 -37.28 -29.59 17.26
N GLY A 329 -36.70 -30.64 17.82
CA GLY A 329 -37.19 -31.23 19.05
C GLY A 329 -36.72 -30.48 20.28
N GLU A 330 -37.20 -30.92 21.43
CA GLU A 330 -36.85 -30.27 22.69
C GLU A 330 -35.44 -30.64 23.13
N ASN A 331 -34.98 -31.83 22.75
CA ASN A 331 -33.61 -32.25 23.03
C ASN A 331 -32.99 -32.76 21.74
N SER A 332 -31.80 -32.28 21.42
CA SER A 332 -31.09 -32.74 20.24
C SER A 332 -30.49 -34.11 20.49
N TRP A 333 -29.92 -34.68 19.43
CA TRP A 333 -29.16 -35.92 19.38
C TRP A 333 -29.95 -37.17 19.78
N PHE A 334 -31.29 -37.11 19.83
CA PHE A 334 -32.16 -38.29 19.91
C PHE A 334 -31.90 -39.19 21.12
N SER A 335 -32.29 -38.72 22.31
CA SER A 335 -31.86 -39.28 23.60
C SER A 335 -32.17 -40.76 23.77
N THR A 336 -33.12 -41.30 23.01
CA THR A 336 -33.42 -42.73 23.09
C THR A 336 -32.42 -43.61 22.36
N GLN A 337 -31.61 -43.06 21.46
CA GLN A 337 -30.58 -43.84 20.80
C GLN A 337 -29.20 -43.25 21.06
N VAL A 338 -28.19 -44.12 21.09
CA VAL A 338 -26.83 -43.72 21.46
C VAL A 338 -25.84 -43.97 20.33
N ASP A 339 -26.17 -44.85 19.39
CA ASP A 339 -25.21 -45.28 18.38
C ASP A 339 -25.66 -45.07 16.94
N THR A 340 -26.94 -45.24 16.64
CA THR A 340 -27.42 -45.11 15.26
C THR A 340 -27.40 -43.65 14.81
N VAL A 341 -27.69 -42.72 15.72
CA VAL A 341 -27.61 -41.30 15.40
C VAL A 341 -26.15 -40.86 15.20
N ALA A 342 -25.20 -41.54 15.87
CA ALA A 342 -23.81 -41.18 15.73
C ALA A 342 -23.24 -41.61 14.39
N THR A 343 -23.58 -42.80 13.93
CA THR A 343 -23.15 -43.22 12.60
C THR A 343 -24.00 -42.62 11.49
N LYS A 344 -25.12 -41.99 11.85
CA LYS A 344 -25.87 -41.22 10.87
C LYS A 344 -25.14 -39.92 10.54
N VAL A 345 -24.40 -39.38 11.51
CA VAL A 345 -23.61 -38.18 11.26
C VAL A 345 -22.32 -38.52 10.52
N LYS A 346 -21.65 -39.60 10.94
CA LYS A 346 -20.35 -39.99 10.39
C LYS A 346 -20.45 -40.37 8.91
N ASP A 347 -21.59 -40.92 8.49
CA ASP A 347 -21.81 -41.16 7.07
C ASP A 347 -22.01 -39.87 6.28
N ALA A 348 -22.52 -38.82 6.92
CA ALA A 348 -22.78 -37.56 6.24
C ALA A 348 -21.58 -36.63 6.21
N LEU A 349 -20.49 -36.98 6.89
CA LEU A 349 -19.28 -36.18 6.80
C LEU A 349 -18.63 -36.33 5.43
N GLU A 350 -18.56 -37.55 4.90
CA GLU A 350 -17.97 -37.80 3.59
C GLU A 350 -18.98 -37.64 2.47
N PHE A 351 -20.17 -37.14 2.76
CA PHE A 351 -21.18 -36.86 1.75
C PHE A 351 -21.22 -35.39 1.38
N TRP A 352 -21.26 -34.51 2.39
CA TRP A 352 -21.31 -33.08 2.14
C TRP A 352 -19.96 -32.50 1.76
N LEU A 353 -18.87 -33.13 2.20
CA LEU A 353 -17.54 -32.68 1.79
C LEU A 353 -17.27 -32.98 0.32
N GLN A 354 -17.95 -33.97 -0.25
CA GLN A 354 -17.94 -34.16 -1.70
C GLN A 354 -18.58 -32.98 -2.41
N ALA A 355 -19.65 -32.42 -1.85
CA ALA A 355 -20.27 -31.23 -2.43
C ALA A 355 -19.45 -29.98 -2.14
N GLY A 356 -18.56 -30.04 -1.17
CA GLY A 356 -17.59 -28.99 -0.96
C GLY A 356 -17.95 -27.94 0.07
N VAL A 357 -18.68 -28.30 1.13
CA VAL A 357 -18.87 -27.36 2.23
C VAL A 357 -17.55 -27.22 2.98
N ASP A 358 -17.27 -26.02 3.45
CA ASP A 358 -15.96 -25.73 4.01
C ASP A 358 -15.92 -25.87 5.52
N GLY A 359 -16.72 -26.78 6.08
CA GLY A 359 -16.66 -27.04 7.50
C GLY A 359 -17.97 -27.62 8.00
N PHE A 360 -18.03 -27.81 9.31
CA PHE A 360 -19.22 -28.36 9.96
C PHE A 360 -19.33 -27.78 11.36
N GLN A 361 -20.56 -27.76 11.87
CA GLN A 361 -20.84 -27.37 13.24
C GLN A 361 -21.73 -28.42 13.88
N VAL A 362 -21.57 -28.63 15.18
CA VAL A 362 -22.46 -29.51 15.95
C VAL A 362 -22.84 -28.77 17.22
N ARG A 363 -24.05 -28.23 17.26
CA ARG A 363 -24.51 -27.57 18.46
C ARG A 363 -24.94 -28.60 19.50
N ASP A 364 -24.97 -28.16 20.75
CA ASP A 364 -25.47 -28.92 21.90
C ASP A 364 -24.74 -30.25 22.08
N ILE A 365 -23.44 -30.16 22.35
CA ILE A 365 -22.68 -31.38 22.57
C ILE A 365 -22.68 -31.69 24.07
N GLU A 366 -23.35 -30.87 24.86
CA GLU A 366 -23.57 -31.24 26.26
C GLU A 366 -24.59 -32.36 26.38
N ASN A 367 -25.44 -32.55 25.38
CA ASN A 367 -26.34 -33.70 25.33
C ASN A 367 -25.78 -34.76 24.37
N LEU A 368 -24.63 -35.31 24.74
CA LEU A 368 -24.05 -36.43 24.02
C LEU A 368 -23.53 -37.46 25.03
N LYS A 369 -23.61 -38.72 24.63
CA LYS A 369 -22.96 -39.80 25.34
C LYS A 369 -21.56 -39.98 24.74
N ASP A 370 -20.53 -39.84 25.60
CA ASP A 370 -19.12 -39.85 25.24
C ASP A 370 -18.83 -38.76 24.20
N ALA A 371 -18.99 -37.51 24.65
CA ALA A 371 -18.90 -36.37 23.75
C ALA A 371 -17.46 -36.06 23.33
N SER A 372 -16.50 -36.18 24.25
CA SER A 372 -15.14 -35.74 23.96
C SER A 372 -14.37 -36.71 23.08
N SER A 373 -14.90 -37.91 22.83
CA SER A 373 -14.24 -38.88 21.96
C SER A 373 -14.98 -39.04 20.63
N PHE A 374 -16.14 -38.42 20.48
CA PHE A 374 -16.84 -38.38 19.21
C PHE A 374 -16.48 -37.18 18.36
N LEU A 375 -16.02 -36.09 18.98
CA LEU A 375 -15.48 -34.99 18.20
C LEU A 375 -14.13 -35.35 17.61
N ALA A 376 -13.36 -36.19 18.30
CA ALA A 376 -12.07 -36.61 17.79
C ALA A 376 -12.20 -37.56 16.61
N GLU A 377 -13.30 -38.29 16.51
CA GLU A 377 -13.56 -39.07 15.30
C GLU A 377 -14.07 -38.20 14.17
N TRP A 378 -14.78 -37.11 14.50
CA TRP A 378 -15.31 -36.22 13.47
C TRP A 378 -14.28 -35.21 13.01
N GLN A 379 -13.34 -34.83 13.87
CA GLN A 379 -12.27 -33.95 13.42
C GLN A 379 -11.21 -34.71 12.64
N ASN A 380 -11.20 -36.04 12.74
CA ASN A 380 -10.39 -36.84 11.82
C ASN A 380 -10.86 -36.67 10.39
N ILE A 381 -12.14 -36.93 10.14
CA ILE A 381 -12.66 -36.94 8.77
C ILE A 381 -12.77 -35.53 8.23
N THR A 382 -12.86 -34.52 9.11
CA THR A 382 -12.90 -33.15 8.64
C THR A 382 -11.51 -32.67 8.23
N LYS A 383 -10.49 -32.99 9.01
CA LYS A 383 -9.13 -32.62 8.62
C LYS A 383 -8.52 -33.60 7.62
N GLY A 384 -8.92 -34.88 7.69
CA GLY A 384 -8.37 -35.88 6.79
C GLY A 384 -8.80 -35.74 5.35
N PHE A 385 -9.99 -35.17 5.11
CA PHE A 385 -10.40 -34.88 3.75
C PHE A 385 -9.61 -33.73 3.16
N SER A 386 -9.49 -32.63 3.90
CA SER A 386 -8.66 -31.50 3.51
C SER A 386 -8.23 -30.77 4.77
N GLU A 387 -7.05 -30.16 4.69
CA GLU A 387 -6.52 -29.44 5.85
C GLU A 387 -7.22 -28.11 6.08
N ASP A 388 -7.83 -27.53 5.06
CA ASP A 388 -8.49 -26.24 5.16
C ASP A 388 -9.96 -26.35 5.58
N ARG A 389 -10.34 -27.41 6.27
CA ARG A 389 -11.68 -27.55 6.80
C ARG A 389 -11.65 -27.45 8.32
N LEU A 390 -12.80 -27.21 8.93
CA LEU A 390 -12.86 -27.03 10.37
C LEU A 390 -14.12 -27.68 10.93
N LEU A 391 -14.11 -27.89 12.24
CA LEU A 391 -15.28 -28.35 12.97
C LEU A 391 -15.53 -27.40 14.13
N ILE A 392 -16.78 -26.97 14.31
CA ILE A 392 -17.19 -26.11 15.40
C ILE A 392 -18.10 -26.92 16.30
N ALA A 393 -18.02 -26.70 17.61
CA ALA A 393 -18.85 -27.40 18.57
C ALA A 393 -19.38 -26.41 19.60
N GLY A 394 -20.67 -26.48 19.88
CA GLY A 394 -21.32 -25.53 20.78
C GLY A 394 -21.87 -26.20 22.02
N THR A 395 -21.56 -25.60 23.18
CA THR A 395 -22.11 -26.03 24.45
C THR A 395 -22.96 -24.90 25.01
N ASN A 396 -23.52 -25.13 26.19
CA ASN A 396 -24.07 -24.06 27.01
C ASN A 396 -23.39 -23.98 28.36
N SER A 397 -22.28 -24.68 28.52
CA SER A 397 -21.55 -24.71 29.78
C SER A 397 -20.75 -23.43 29.95
N SER A 398 -20.99 -22.73 31.05
CA SER A 398 -20.31 -21.47 31.33
C SER A 398 -19.23 -21.63 32.37
N ASP A 399 -18.85 -22.86 32.68
CA ASP A 399 -17.81 -23.13 33.67
C ASP A 399 -16.50 -23.46 32.98
N LEU A 400 -15.41 -23.00 33.58
CA LEU A 400 -14.09 -23.12 32.96
C LEU A 400 -13.58 -24.54 32.95
N GLN A 401 -13.93 -25.34 33.97
CA GLN A 401 -13.38 -26.68 34.07
C GLN A 401 -14.06 -27.64 33.11
N GLN A 402 -15.29 -27.34 32.71
CA GLN A 402 -15.98 -28.21 31.76
C GLN A 402 -15.47 -28.01 30.34
N ILE A 403 -15.08 -26.79 30.00
CA ILE A 403 -14.64 -26.48 28.64
C ILE A 403 -13.26 -27.08 28.38
N LEU A 404 -12.35 -26.97 29.36
CA LEU A 404 -10.98 -27.46 29.17
C LEU A 404 -10.93 -28.98 29.08
N SER A 405 -11.94 -29.67 29.64
CA SER A 405 -12.00 -31.11 29.50
C SER A 405 -12.39 -31.51 28.08
N LEU A 406 -13.05 -30.61 27.36
CA LEU A 406 -13.34 -30.85 25.95
C LEU A 406 -12.12 -30.54 25.09
N LEU A 407 -11.27 -29.63 25.54
CA LEU A 407 -10.13 -29.23 24.74
C LEU A 407 -8.84 -29.90 25.21
N GLU A 408 -8.96 -30.91 26.08
CA GLU A 408 -7.76 -31.61 26.53
C GLU A 408 -7.39 -32.74 25.57
N SER A 409 -8.35 -33.23 24.80
CA SER A 409 -8.03 -34.21 23.78
C SER A 409 -7.80 -33.55 22.42
N ASN A 410 -8.75 -32.74 21.98
CA ASN A 410 -8.65 -32.03 20.71
C ASN A 410 -7.98 -30.68 20.92
N LYS A 411 -7.29 -30.18 19.89
CA LYS A 411 -6.62 -28.90 20.02
C LYS A 411 -7.12 -27.90 18.98
N ASP A 412 -7.26 -28.34 17.73
CA ASP A 412 -7.71 -27.47 16.66
C ASP A 412 -9.22 -27.51 16.49
N LEU A 413 -9.94 -27.30 17.60
CA LEU A 413 -11.39 -27.31 17.62
C LEU A 413 -11.87 -25.96 18.12
N LEU A 414 -12.71 -25.30 17.33
CA LEU A 414 -13.37 -24.08 17.80
C LEU A 414 -14.57 -24.45 18.63
N LEU A 415 -14.56 -24.05 19.90
CA LEU A 415 -15.64 -24.35 20.83
C LEU A 415 -16.28 -23.05 21.25
N THR A 416 -17.44 -22.75 20.66
CA THR A 416 -18.21 -21.57 21.01
C THR A 416 -19.14 -21.95 22.15
N SER A 417 -18.81 -21.50 23.35
CA SER A 417 -19.58 -21.83 24.54
C SER A 417 -20.29 -20.59 25.05
N SER A 418 -20.93 -20.73 26.20
CA SER A 418 -21.66 -19.65 26.84
C SER A 418 -20.84 -19.04 27.98
N TYR A 419 -19.52 -18.98 27.78
CA TYR A 419 -18.59 -18.72 28.88
C TYR A 419 -18.62 -17.27 29.34
N LEU A 420 -18.92 -16.33 28.45
CA LEU A 420 -18.93 -14.92 28.81
C LEU A 420 -20.34 -14.38 29.05
N SER A 421 -21.34 -15.25 29.15
CA SER A 421 -22.73 -14.81 29.18
C SER A 421 -23.15 -14.18 30.49
N ASP A 422 -22.27 -14.11 31.49
CA ASP A 422 -22.59 -13.45 32.74
C ASP A 422 -22.49 -11.93 32.59
N SER A 423 -22.56 -11.23 33.72
CA SER A 423 -22.74 -9.78 33.69
C SER A 423 -21.47 -9.07 33.22
N GLY A 424 -20.40 -9.18 34.00
CA GLY A 424 -19.15 -8.49 33.67
C GLY A 424 -19.23 -6.98 33.69
N SER A 425 -20.27 -6.43 34.33
CA SER A 425 -20.44 -4.98 34.33
C SER A 425 -19.42 -4.29 35.22
N THR A 426 -18.92 -4.99 36.23
CA THR A 426 -17.71 -4.55 36.90
C THR A 426 -16.50 -4.89 36.02
N GLY A 427 -15.56 -3.95 35.93
CA GLY A 427 -14.51 -4.05 34.92
C GLY A 427 -13.47 -5.11 35.21
N GLU A 428 -13.13 -5.30 36.49
CA GLU A 428 -12.11 -6.27 36.87
C GLU A 428 -12.59 -7.71 36.75
N HIS A 429 -13.89 -7.94 36.56
CA HIS A 429 -14.39 -9.29 36.36
C HIS A 429 -14.02 -9.81 34.99
N THR A 430 -14.35 -9.04 33.94
CA THR A 430 -14.13 -9.49 32.57
C THR A 430 -12.65 -9.54 32.22
N LYS A 431 -11.84 -8.68 32.83
CA LYS A 431 -10.40 -8.81 32.73
C LYS A 431 -9.93 -10.12 33.35
N SER A 432 -10.48 -10.48 34.50
CA SER A 432 -10.16 -11.76 35.12
C SER A 432 -10.94 -12.92 34.51
N LEU A 433 -11.89 -12.64 33.62
CA LEU A 433 -12.62 -13.71 32.96
C LEU A 433 -12.05 -14.03 31.58
N VAL A 434 -11.44 -13.05 30.93
CA VAL A 434 -10.83 -13.27 29.61
C VAL A 434 -9.40 -13.76 29.75
N THR A 435 -8.59 -13.09 30.59
CA THR A 435 -7.20 -13.47 30.75
C THR A 435 -7.02 -14.74 31.57
N GLN A 436 -8.09 -15.29 32.14
CA GLN A 436 -8.00 -16.64 32.71
C GLN A 436 -8.22 -17.69 31.64
N TYR A 437 -8.93 -17.35 30.57
CA TYR A 437 -9.22 -18.31 29.52
C TYR A 437 -8.02 -18.53 28.61
N LEU A 438 -7.25 -17.48 28.34
CA LEU A 438 -6.05 -17.63 27.51
C LEU A 438 -4.91 -18.22 28.31
N ASN A 439 -4.88 -17.95 29.62
CA ASN A 439 -3.84 -18.49 30.48
C ASN A 439 -4.01 -19.98 30.73
N ALA A 440 -5.25 -20.45 30.78
CA ALA A 440 -5.49 -21.87 31.03
C ALA A 440 -5.28 -22.70 29.78
N THR A 441 -5.55 -22.12 28.61
CA THR A 441 -5.37 -22.83 27.35
C THR A 441 -3.98 -22.66 26.77
N GLY A 442 -3.15 -21.79 27.34
CA GLY A 442 -1.81 -21.59 26.84
C GLY A 442 -1.73 -20.76 25.57
N ASN A 443 -2.61 -19.76 25.43
CA ASN A 443 -2.65 -18.83 24.30
C ASN A 443 -2.84 -19.53 22.96
N ARG A 444 -3.80 -20.44 22.88
CA ARG A 444 -4.10 -21.10 21.62
C ARG A 444 -5.08 -20.26 20.83
N TRP A 445 -5.64 -20.82 19.76
CA TRP A 445 -6.64 -20.10 18.98
C TRP A 445 -8.03 -20.52 19.44
N CYS A 446 -8.76 -19.58 20.03
CA CYS A 446 -10.10 -19.80 20.53
C CYS A 446 -11.10 -19.04 19.67
N SER A 447 -12.37 -19.07 20.07
CA SER A 447 -13.43 -18.35 19.39
C SER A 447 -14.22 -17.57 20.44
N TRP A 448 -14.34 -16.27 20.24
CA TRP A 448 -14.98 -15.39 21.21
C TRP A 448 -16.44 -15.19 20.81
N SER A 449 -17.35 -15.68 21.64
CA SER A 449 -18.77 -15.52 21.41
C SER A 449 -19.49 -15.53 22.76
N LEU A 450 -20.55 -14.73 22.85
CA LEU A 450 -21.31 -14.65 24.09
C LEU A 450 -22.21 -15.87 24.28
N SER A 451 -22.53 -16.57 23.20
CA SER A 451 -23.39 -17.74 23.26
C SER A 451 -23.12 -18.64 22.06
N GLN A 452 -23.90 -19.71 21.96
CA GLN A 452 -23.78 -20.61 20.83
C GLN A 452 -24.81 -20.31 19.73
N ALA A 453 -26.05 -19.99 20.10
CA ALA A 453 -27.07 -19.66 19.11
C ALA A 453 -27.96 -18.54 19.62
N ARG A 454 -27.37 -17.51 20.21
CA ARG A 454 -28.17 -16.42 20.76
C ARG A 454 -27.50 -15.08 20.44
N LEU A 455 -28.32 -14.05 20.29
CA LEU A 455 -27.85 -12.74 19.90
C LEU A 455 -27.21 -12.01 21.08
N LEU A 456 -26.52 -10.92 20.77
CA LEU A 456 -25.94 -10.08 21.81
C LEU A 456 -26.96 -9.20 22.51
N THR A 457 -28.18 -9.09 21.99
CA THR A 457 -29.19 -8.30 22.67
C THR A 457 -29.70 -8.99 23.92
N SER A 458 -29.65 -10.33 23.95
CA SER A 458 -29.79 -11.04 25.20
C SER A 458 -28.51 -10.89 26.02
N PHE A 459 -28.64 -11.18 27.32
CA PHE A 459 -27.59 -11.23 28.35
C PHE A 459 -27.00 -9.88 28.70
N LEU A 460 -27.34 -8.78 28.01
CA LEU A 460 -26.75 -7.48 28.26
C LEU A 460 -27.60 -6.40 27.63
N PRO A 461 -27.67 -5.20 28.22
CA PRO A 461 -28.55 -4.15 27.67
C PRO A 461 -28.02 -3.51 26.41
N ALA A 462 -28.74 -2.50 25.90
CA ALA A 462 -28.41 -1.90 24.62
C ALA A 462 -27.38 -0.78 24.71
N GLN A 463 -26.91 -0.43 25.91
CA GLN A 463 -25.84 0.55 26.04
C GLN A 463 -24.46 -0.09 26.13
N LEU A 464 -24.39 -1.37 26.48
CA LEU A 464 -23.15 -2.13 26.43
C LEU A 464 -22.99 -2.91 25.14
N LEU A 465 -23.85 -2.68 24.15
CA LEU A 465 -23.82 -3.50 22.96
C LEU A 465 -22.76 -3.00 21.99
N ARG A 466 -22.42 -1.72 22.04
CA ARG A 466 -21.30 -1.20 21.27
C ARG A 466 -19.97 -1.40 21.96
N LEU A 467 -19.97 -1.71 23.25
CA LEU A 467 -18.75 -1.94 24.01
C LEU A 467 -18.24 -3.36 23.82
N TYR A 468 -19.13 -4.31 23.55
CA TYR A 468 -18.72 -5.69 23.35
C TYR A 468 -18.31 -5.97 21.91
N GLN A 469 -18.84 -5.23 20.94
CA GLN A 469 -18.39 -5.39 19.57
C GLN A 469 -16.97 -4.87 19.37
N LEU A 470 -16.56 -3.86 20.13
CA LEU A 470 -15.15 -3.47 20.14
C LEU A 470 -14.30 -4.52 20.85
N MET A 471 -14.86 -5.21 21.84
CA MET A 471 -14.09 -6.21 22.56
C MET A 471 -13.95 -7.49 21.75
N LEU A 472 -15.03 -7.96 21.14
CA LEU A 472 -15.00 -9.22 20.42
C LEU A 472 -14.18 -9.16 19.14
N PHE A 473 -14.05 -7.98 18.53
CA PHE A 473 -13.31 -7.86 17.29
C PHE A 473 -11.82 -7.66 17.51
N THR A 474 -11.39 -7.44 18.75
CA THR A 474 -9.99 -7.15 19.06
C THR A 474 -9.33 -8.18 19.94
N LEU A 475 -10.06 -9.17 20.43
CA LEU A 475 -9.48 -10.24 21.23
C LEU A 475 -8.84 -11.28 20.31
N PRO A 476 -7.79 -11.97 20.78
CA PRO A 476 -7.12 -12.95 19.91
C PRO A 476 -7.98 -14.20 19.70
N GLY A 477 -8.54 -14.31 18.51
CA GLY A 477 -9.41 -15.42 18.17
C GLY A 477 -10.48 -15.04 17.19
N THR A 478 -11.25 -16.01 16.72
CA THR A 478 -12.25 -15.79 15.69
C THR A 478 -13.55 -15.32 16.34
N PRO A 479 -14.01 -14.08 16.11
CA PRO A 479 -15.29 -13.67 16.67
C PRO A 479 -16.45 -14.28 15.90
N VAL A 480 -17.40 -14.84 16.63
CA VAL A 480 -18.56 -15.50 16.05
C VAL A 480 -19.79 -14.69 16.42
N PHE A 481 -20.53 -14.24 15.41
CA PHE A 481 -21.72 -13.42 15.60
C PHE A 481 -22.92 -14.11 14.98
N SER A 482 -24.10 -13.84 15.54
CA SER A 482 -25.35 -14.35 14.99
C SER A 482 -25.90 -13.38 13.96
N TYR A 483 -26.98 -13.77 13.31
CA TYR A 483 -27.59 -12.87 12.35
C TYR A 483 -28.41 -11.81 13.08
N GLY A 484 -28.40 -10.60 12.53
CA GLY A 484 -29.02 -9.48 13.22
C GLY A 484 -28.25 -9.00 14.41
N ASP A 485 -26.94 -9.18 14.41
CA ASP A 485 -26.09 -8.71 15.49
C ASP A 485 -25.49 -7.35 15.20
N GLU A 486 -25.25 -7.03 13.94
CA GLU A 486 -24.64 -5.76 13.55
C GLU A 486 -25.59 -4.59 13.74
N ILE A 487 -26.90 -4.82 13.75
CA ILE A 487 -27.90 -3.77 13.91
C ILE A 487 -28.53 -3.79 15.29
N GLY A 488 -28.19 -4.75 16.14
CA GLY A 488 -28.76 -4.82 17.47
C GLY A 488 -30.21 -5.24 17.45
N LEU A 489 -30.52 -6.29 16.72
CA LEU A 489 -31.90 -6.77 16.57
C LEU A 489 -32.35 -7.42 17.87
N ASP A 490 -33.19 -6.73 18.63
CA ASP A 490 -33.71 -7.24 19.90
C ASP A 490 -34.92 -8.11 19.60
N ALA A 491 -34.94 -9.32 20.16
CA ALA A 491 -36.12 -10.16 20.05
C ALA A 491 -37.18 -9.77 21.05
N ALA A 492 -36.79 -9.15 22.17
CA ALA A 492 -37.73 -8.75 23.21
C ALA A 492 -38.39 -7.41 22.93
N ALA A 493 -38.02 -6.74 21.84
CA ALA A 493 -38.64 -5.45 21.53
C ALA A 493 -39.94 -5.65 20.75
N LEU A 494 -39.87 -6.35 19.63
CA LEU A 494 -41.09 -6.48 18.85
C LEU A 494 -41.95 -7.61 19.39
N PRO A 495 -43.24 -7.36 19.63
CA PRO A 495 -44.09 -8.37 20.23
C PRO A 495 -44.54 -9.41 19.21
N GLY A 496 -44.81 -10.62 19.72
CA GLY A 496 -45.30 -11.68 18.87
C GLY A 496 -44.24 -12.37 18.05
N GLN A 497 -43.09 -12.66 18.63
CA GLN A 497 -42.00 -13.30 17.91
C GLN A 497 -41.33 -14.35 18.79
N PRO A 498 -40.93 -15.49 18.22
CA PRO A 498 -40.12 -16.44 18.98
C PRO A 498 -38.79 -15.86 19.39
N MET A 499 -38.34 -16.24 20.59
CA MET A 499 -37.17 -15.62 21.19
C MET A 499 -35.88 -16.07 20.51
N GLU A 500 -35.84 -17.32 20.03
CA GLU A 500 -34.60 -17.85 19.49
C GLU A 500 -34.36 -17.43 18.05
N ALA A 501 -35.41 -17.18 17.28
CA ALA A 501 -35.29 -16.85 15.85
C ALA A 501 -36.10 -15.60 15.53
N PRO A 502 -35.54 -14.42 15.74
CA PRO A 502 -36.26 -13.19 15.38
C PRO A 502 -36.11 -12.87 13.91
N VAL A 503 -37.06 -12.08 13.40
CA VAL A 503 -37.06 -11.69 12.00
C VAL A 503 -36.05 -10.58 11.78
N MET A 504 -35.26 -10.69 10.72
CA MET A 504 -34.27 -9.68 10.40
C MET A 504 -34.94 -8.47 9.76
N LEU A 505 -34.60 -7.28 10.25
CA LEU A 505 -35.24 -6.05 9.83
C LEU A 505 -34.50 -5.50 8.62
N TRP A 506 -35.01 -5.83 7.44
CA TRP A 506 -34.41 -5.36 6.19
C TRP A 506 -34.92 -3.98 5.78
N ASP A 507 -36.22 -3.83 5.60
CA ASP A 507 -36.81 -2.55 5.25
C ASP A 507 -37.90 -2.22 6.26
N GLU A 508 -38.68 -1.18 5.96
CA GLU A 508 -39.77 -0.79 6.84
C GLU A 508 -40.92 -1.78 6.83
N SER A 509 -41.06 -2.56 5.77
CA SER A 509 -42.11 -3.56 5.65
C SER A 509 -41.61 -4.98 5.90
N SER A 510 -40.47 -5.13 6.56
CA SER A 510 -39.91 -6.45 6.79
C SER A 510 -40.67 -7.22 7.86
N PHE A 511 -41.38 -6.53 8.76
CA PHE A 511 -42.22 -7.16 9.76
C PHE A 511 -43.66 -6.75 9.50
N PRO A 512 -44.37 -7.44 8.61
CA PRO A 512 -45.70 -6.99 8.18
C PRO A 512 -46.85 -7.43 9.07
N ASP A 513 -46.59 -7.91 10.29
CA ASP A 513 -47.68 -8.34 11.15
C ASP A 513 -48.27 -7.16 11.93
N ILE A 514 -47.42 -6.26 12.42
CA ILE A 514 -47.85 -5.09 13.17
C ILE A 514 -47.43 -3.85 12.37
N PRO A 515 -48.37 -3.10 11.79
CA PRO A 515 -47.98 -1.89 11.05
C PRO A 515 -47.64 -0.74 12.00
N GLY A 516 -46.55 -0.05 11.69
CA GLY A 516 -46.12 1.06 12.51
C GLY A 516 -45.46 0.66 13.80
N ALA A 517 -44.49 -0.26 13.75
CA ALA A 517 -43.84 -0.78 14.94
C ALA A 517 -42.33 -0.69 14.90
N VAL A 518 -41.73 -0.43 13.74
CA VAL A 518 -40.29 -0.32 13.61
C VAL A 518 -39.94 1.14 13.38
N SER A 519 -38.72 1.52 13.76
CA SER A 519 -38.23 2.87 13.57
C SER A 519 -37.34 2.93 12.34
N ALA A 520 -36.68 4.07 12.15
CA ALA A 520 -35.74 4.20 11.05
C ALA A 520 -34.36 3.68 11.42
N ASN A 521 -33.89 3.95 12.64
CA ASN A 521 -32.62 3.40 13.11
C ASN A 521 -32.73 1.93 13.51
N MET A 522 -33.95 1.43 13.69
CA MET A 522 -34.18 0.00 13.94
C MET A 522 -34.44 -0.73 12.63
N THR A 523 -33.57 -0.54 11.64
CA THR A 523 -33.73 -1.11 10.31
C THR A 523 -32.34 -1.06 9.66
N VAL A 524 -32.00 -2.10 8.90
CA VAL A 524 -30.66 -2.17 8.29
C VAL A 524 -30.52 -1.14 7.16
N LYS A 525 -31.66 -0.64 6.64
CA LYS A 525 -31.60 0.40 5.63
C LYS A 525 -31.23 1.75 6.26
N GLY A 526 -31.82 2.06 7.41
CA GLY A 526 -31.49 3.30 8.10
C GLY A 526 -30.18 3.25 8.85
N GLN A 527 -29.76 2.04 9.26
CA GLN A 527 -28.47 1.91 9.93
C GLN A 527 -27.31 2.10 8.97
N SER A 528 -27.54 1.87 7.67
CA SER A 528 -26.44 1.87 6.71
C SER A 528 -25.96 3.28 6.40
N GLU A 529 -26.89 4.24 6.28
CA GLU A 529 -26.51 5.59 5.88
C GLU A 529 -26.12 6.47 7.05
N ASP A 530 -26.35 6.03 8.28
CA ASP A 530 -26.00 6.83 9.45
C ASP A 530 -24.52 6.60 9.76
N PRO A 531 -23.69 7.65 9.75
CA PRO A 531 -22.26 7.43 9.99
C PRO A 531 -21.90 7.26 11.47
N GLY A 532 -22.84 7.46 12.38
CA GLY A 532 -22.63 7.19 13.79
C GLY A 532 -23.52 6.13 14.37
N SER A 533 -23.97 5.18 13.56
CA SER A 533 -24.89 4.14 14.01
C SER A 533 -24.12 2.95 14.56
N LEU A 534 -24.83 1.83 14.71
CA LEU A 534 -24.21 0.61 15.22
C LEU A 534 -23.65 -0.25 14.09
N LEU A 535 -24.32 -0.25 12.93
CA LEU A 535 -23.77 -0.94 11.76
C LEU A 535 -22.53 -0.24 11.24
N SER A 536 -22.43 1.09 11.44
CA SER A 536 -21.22 1.80 11.05
C SER A 536 -20.07 1.51 12.00
N LEU A 537 -20.36 0.98 13.18
CA LEU A 537 -19.30 0.53 14.08
C LEU A 537 -18.86 -0.89 13.72
N PHE A 538 -19.81 -1.72 13.28
CA PHE A 538 -19.50 -3.09 12.88
C PHE A 538 -18.65 -3.11 11.61
N ARG A 539 -19.05 -2.34 10.60
CA ARG A 539 -18.33 -2.33 9.34
C ARG A 539 -16.98 -1.64 9.44
N ARG A 540 -16.83 -0.69 10.37
CA ARG A 540 -15.54 -0.03 10.55
C ARG A 540 -14.61 -0.85 11.44
N LEU A 541 -15.13 -1.85 12.14
CA LEU A 541 -14.28 -2.74 12.92
C LEU A 541 -13.97 -4.02 12.18
N SER A 542 -14.86 -4.44 11.27
CA SER A 542 -14.69 -5.72 10.60
C SER A 542 -13.61 -5.67 9.54
N ASP A 543 -13.41 -4.51 8.91
CA ASP A 543 -12.31 -4.40 7.96
C ASP A 543 -10.96 -4.29 8.66
N GLN A 544 -10.91 -3.64 9.81
CA GLN A 544 -9.67 -3.52 10.56
C GLN A 544 -9.28 -4.82 11.25
N ARG A 545 -10.25 -5.70 11.51
CA ARG A 545 -9.91 -7.04 11.97
C ARG A 545 -9.38 -7.87 10.81
N SER A 546 -9.89 -7.64 9.60
CA SER A 546 -9.59 -8.51 8.47
C SER A 546 -8.33 -8.10 7.72
N LYS A 547 -7.91 -6.83 7.83
CA LYS A 547 -6.81 -6.34 7.01
C LYS A 547 -5.55 -6.02 7.80
N GLU A 548 -5.64 -5.84 9.12
CA GLU A 548 -4.50 -5.36 9.88
C GLU A 548 -3.73 -6.52 10.49
N ARG A 549 -2.41 -6.52 10.28
CA ARG A 549 -1.57 -7.64 10.66
C ARG A 549 -1.43 -7.76 12.17
N SER A 550 -1.54 -6.65 12.90
CA SER A 550 -1.40 -6.71 14.35
C SER A 550 -2.68 -7.13 15.06
N LEU A 551 -3.81 -7.15 14.34
CA LEU A 551 -5.04 -7.69 14.89
C LEU A 551 -5.31 -9.11 14.43
N LEU A 552 -4.65 -9.54 13.35
CA LEU A 552 -4.86 -10.90 12.85
C LEU A 552 -4.21 -11.92 13.77
N HIS A 553 -2.94 -11.72 14.08
CA HIS A 553 -2.16 -12.68 14.86
C HIS A 553 -1.20 -11.96 15.78
N GLY A 554 -1.54 -10.74 16.19
CA GLY A 554 -0.75 -9.99 17.14
C GLY A 554 -0.93 -10.51 18.55
N ASP A 555 0.10 -10.30 19.36
CA ASP A 555 0.09 -10.78 20.74
C ASP A 555 -0.82 -9.92 21.60
N PHE A 556 -1.30 -10.52 22.68
CA PHE A 556 -2.27 -9.91 23.59
C PHE A 556 -1.61 -9.76 24.94
N HIS A 557 -1.54 -8.52 25.44
CA HIS A 557 -0.91 -8.26 26.74
C HIS A 557 -1.76 -7.24 27.49
N ALA A 558 -2.70 -7.74 28.28
CA ALA A 558 -3.50 -6.88 29.13
C ALA A 558 -2.69 -6.42 30.33
N PHE A 559 -2.99 -5.22 30.82
CA PHE A 559 -2.26 -4.64 31.93
C PHE A 559 -3.23 -3.93 32.87
N SER A 560 -2.69 -3.45 33.98
CA SER A 560 -3.51 -2.91 35.06
C SER A 560 -3.93 -1.48 34.75
N ALA A 561 -5.01 -1.08 35.42
CA ALA A 561 -5.61 0.24 35.23
C ALA A 561 -6.25 0.65 36.54
N GLY A 562 -7.20 1.59 36.48
CA GLY A 562 -7.89 2.10 37.65
C GLY A 562 -8.88 1.12 38.27
N PRO A 563 -9.92 1.67 38.94
CA PRO A 563 -10.82 0.81 39.74
C PRO A 563 -11.63 -0.21 38.93
N GLY A 564 -12.42 0.25 37.96
CA GLY A 564 -13.02 -0.70 37.04
C GLY A 564 -12.99 -0.23 35.60
N LEU A 565 -12.22 -0.93 34.78
CA LEU A 565 -12.08 -0.76 33.34
C LEU A 565 -11.12 -1.83 32.83
N PHE A 566 -11.19 -2.09 31.52
CA PHE A 566 -10.41 -3.12 30.87
C PHE A 566 -9.52 -2.46 29.82
N SER A 567 -8.23 -2.80 29.83
CA SER A 567 -7.29 -2.21 28.89
C SER A 567 -6.27 -3.26 28.46
N TYR A 568 -5.97 -3.30 27.16
CA TYR A 568 -5.04 -4.29 26.64
C TYR A 568 -4.42 -3.77 25.35
N ILE A 569 -3.32 -4.39 24.96
CA ILE A 569 -2.52 -3.97 23.82
C ILE A 569 -2.40 -5.13 22.86
N ARG A 570 -2.77 -4.90 21.60
CA ARG A 570 -2.52 -5.86 20.52
C ARG A 570 -1.27 -5.41 19.77
N HIS A 571 -0.25 -6.25 19.74
CA HIS A 571 1.01 -5.86 19.13
C HIS A 571 1.63 -7.03 18.40
N TRP A 572 2.32 -6.71 17.30
CA TRP A 572 3.03 -7.65 16.47
C TRP A 572 4.47 -7.15 16.35
N ASP A 573 5.26 -7.73 15.45
CA ASP A 573 6.70 -7.50 15.36
C ASP A 573 7.08 -6.05 15.09
N GLN A 574 6.72 -5.52 13.92
CA GLN A 574 7.03 -4.16 13.55
C GLN A 574 5.80 -3.35 13.17
N ASN A 575 4.62 -3.95 13.14
CA ASN A 575 3.44 -3.33 12.55
C ASN A 575 2.82 -2.31 13.50
N GLU A 576 1.73 -1.71 13.04
CA GLU A 576 1.01 -0.69 13.80
C GLU A 576 0.36 -1.29 15.04
N ARG A 577 0.85 -0.88 16.21
CA ARG A 577 0.31 -1.39 17.46
C ARG A 577 -1.07 -0.81 17.73
N PHE A 578 -1.84 -1.52 18.56
CA PHE A 578 -3.19 -1.13 18.91
C PHE A 578 -3.35 -1.15 20.42
N LEU A 579 -4.20 -0.26 20.93
CA LEU A 579 -4.43 -0.13 22.36
C LEU A 579 -5.91 0.19 22.58
N VAL A 580 -6.59 -0.68 23.30
CA VAL A 580 -8.03 -0.57 23.53
C VAL A 580 -8.23 -0.30 25.01
N VAL A 581 -9.02 0.72 25.35
CA VAL A 581 -9.35 1.04 26.74
C VAL A 581 -10.87 0.99 26.84
N LEU A 582 -11.39 -0.02 27.53
CA LEU A 582 -12.82 -0.23 27.67
C LEU A 582 -13.26 0.09 29.09
N ASN A 583 -14.26 0.96 29.22
CA ASN A 583 -14.78 1.35 30.52
C ASN A 583 -16.14 0.70 30.70
N PHE A 584 -16.27 -0.13 31.73
CA PHE A 584 -17.51 -0.82 32.02
C PHE A 584 -18.30 -0.16 33.13
N GLY A 585 -17.80 0.90 33.75
CA GLY A 585 -18.46 1.57 34.83
C GLY A 585 -19.58 2.49 34.36
N ASP A 586 -20.08 3.30 35.29
CA ASP A 586 -21.16 4.23 35.01
C ASP A 586 -20.79 5.68 35.36
N VAL A 587 -19.58 5.91 35.85
CA VAL A 587 -19.14 7.24 36.24
C VAL A 587 -18.08 7.66 35.23
N GLY A 588 -17.91 8.98 35.06
CA GLY A 588 -16.93 9.50 34.13
C GLY A 588 -15.50 9.36 34.63
N LEU A 589 -14.99 8.14 34.56
CA LEU A 589 -13.77 7.76 35.27
C LEU A 589 -12.53 8.06 34.42
N SER A 590 -11.49 8.56 35.07
CA SER A 590 -10.20 8.77 34.43
C SER A 590 -9.48 7.43 34.30
N ALA A 591 -8.73 7.25 33.21
CA ALA A 591 -8.15 5.95 32.90
C ALA A 591 -7.04 5.57 33.89
N GLY A 592 -5.97 6.35 33.93
CA GLY A 592 -4.85 6.09 34.81
C GLY A 592 -4.15 4.79 34.50
N LEU A 593 -3.81 4.58 33.22
CA LEU A 593 -3.18 3.36 32.81
C LEU A 593 -1.68 3.42 33.04
N GLN A 594 -1.12 2.36 33.61
CA GLN A 594 0.29 2.27 33.95
C GLN A 594 1.00 1.36 32.97
N ALA A 595 2.04 1.87 32.32
CA ALA A 595 2.81 1.11 31.33
C ALA A 595 3.95 0.34 31.96
N SER A 596 4.01 0.25 33.29
CA SER A 596 5.10 -0.47 33.95
C SER A 596 4.95 -1.98 33.82
N ASP A 597 3.74 -2.47 33.56
CA ASP A 597 3.49 -3.90 33.47
C ASP A 597 3.54 -4.40 32.03
N LEU A 598 4.35 -3.81 31.17
CA LEU A 598 4.50 -4.24 29.80
C LEU A 598 5.91 -4.73 29.53
N PRO A 599 6.10 -5.58 28.53
CA PRO A 599 7.46 -5.86 28.06
C PRO A 599 8.05 -4.65 27.36
N ALA A 600 9.38 -4.64 27.25
CA ALA A 600 10.05 -3.48 26.67
C ALA A 600 9.86 -3.39 25.16
N SER A 601 9.50 -4.50 24.52
CA SER A 601 9.36 -4.49 23.06
C SER A 601 8.08 -3.82 22.61
N ALA A 602 7.06 -3.76 23.48
CA ALA A 602 5.75 -3.22 23.11
C ALA A 602 5.26 -2.14 24.05
N SER A 603 6.16 -1.30 24.58
CA SER A 603 5.73 -0.22 25.47
C SER A 603 5.05 0.89 24.68
N LEU A 604 4.38 1.78 25.42
CA LEU A 604 3.58 2.81 24.80
C LEU A 604 4.20 4.19 24.98
N PRO A 605 4.10 5.07 23.98
CA PRO A 605 4.62 6.43 24.13
C PRO A 605 3.62 7.36 24.82
N ALA A 606 3.93 8.65 24.85
CA ALA A 606 3.04 9.62 25.47
C ALA A 606 1.86 9.97 24.59
N LYS A 607 2.01 9.92 23.27
CA LYS A 607 0.95 10.29 22.34
C LYS A 607 0.58 9.09 21.48
N ALA A 608 -0.72 8.96 21.22
CA ALA A 608 -1.23 7.90 20.34
C ALA A 608 -2.49 8.42 19.68
N ASP A 609 -2.50 8.44 18.36
CA ASP A 609 -3.63 9.02 17.64
C ASP A 609 -4.84 8.10 17.68
N LEU A 610 -6.00 8.70 17.97
CA LEU A 610 -7.23 7.95 18.12
C LEU A 610 -7.70 7.43 16.76
N LEU A 611 -8.40 6.31 16.79
CA LEU A 611 -8.93 5.68 15.60
C LEU A 611 -10.45 5.64 15.56
N LEU A 612 -11.09 5.15 16.61
CA LEU A 612 -12.54 5.19 16.72
C LEU A 612 -12.92 5.18 18.19
N SER A 613 -14.17 5.54 18.46
CA SER A 613 -14.75 5.47 19.79
C SER A 613 -16.20 5.09 19.66
N THR A 614 -16.77 4.56 20.74
CA THR A 614 -18.15 4.10 20.71
C THR A 614 -19.12 5.28 20.66
N GLN A 615 -19.09 6.13 21.69
CA GLN A 615 -19.96 7.29 21.54
C GLN A 615 -19.16 8.48 21.01
N PRO A 616 -19.68 9.18 20.00
CA PRO A 616 -18.91 10.24 19.35
C PRO A 616 -18.81 11.48 20.24
N GLY A 617 -17.92 12.38 19.83
CA GLY A 617 -17.62 13.57 20.59
C GLY A 617 -16.13 13.75 20.84
N ARG A 618 -15.31 13.06 20.04
CA ARG A 618 -13.86 13.15 20.12
C ARG A 618 -13.29 13.32 18.72
N GLU A 619 -12.13 13.96 18.65
CA GLU A 619 -11.48 14.24 17.37
C GLU A 619 -10.69 13.02 16.94
N GLU A 620 -11.18 12.31 15.92
CA GLU A 620 -10.49 11.14 15.42
C GLU A 620 -9.26 11.55 14.62
N GLY A 621 -8.20 10.76 14.74
CA GLY A 621 -6.94 11.09 14.11
C GLY A 621 -6.07 12.07 14.86
N SER A 622 -6.57 12.64 15.97
CA SER A 622 -5.84 13.62 16.75
C SER A 622 -5.01 12.92 17.82
N PRO A 623 -3.69 13.11 17.82
CA PRO A 623 -2.87 12.47 18.86
C PRO A 623 -3.07 13.10 20.23
N LEU A 624 -3.75 12.39 21.11
CA LEU A 624 -4.00 12.84 22.47
C LEU A 624 -2.98 12.24 23.43
N GLU A 625 -2.95 12.79 24.64
CA GLU A 625 -2.04 12.31 25.67
C GLU A 625 -2.61 11.08 26.35
N LEU A 626 -1.73 10.15 26.70
CA LEU A 626 -2.15 8.88 27.29
C LEU A 626 -2.10 8.87 28.80
N GLU A 627 -1.58 9.93 29.44
CA GLU A 627 -1.61 9.99 30.89
C GLU A 627 -2.88 10.68 31.40
N ARG A 628 -3.36 11.70 30.68
CA ARG A 628 -4.61 12.38 31.02
C ARG A 628 -5.67 11.90 30.04
N LEU A 629 -6.27 10.77 30.36
CA LEU A 629 -7.28 10.14 29.52
C LEU A 629 -8.57 10.02 30.33
N LYS A 630 -9.38 11.09 30.31
CA LYS A 630 -10.65 11.11 31.00
C LYS A 630 -11.68 10.44 30.10
N LEU A 631 -12.43 9.49 30.65
CA LEU A 631 -13.27 8.61 29.86
C LEU A 631 -14.71 8.66 30.34
N GLU A 632 -15.64 8.64 29.39
CA GLU A 632 -17.06 8.71 29.68
C GLU A 632 -17.56 7.35 30.18
N PRO A 633 -18.73 7.32 30.81
CA PRO A 633 -19.37 6.02 31.09
C PRO A 633 -19.77 5.32 29.80
N HIS A 634 -19.53 4.00 29.77
CA HIS A 634 -19.79 3.12 28.62
C HIS A 634 -19.10 3.62 27.36
N GLU A 635 -17.82 3.96 27.50
CA GLU A 635 -17.03 4.56 26.43
C GLU A 635 -15.75 3.75 26.27
N GLY A 636 -15.72 2.87 25.27
CA GLY A 636 -14.50 2.18 24.89
C GLY A 636 -13.94 2.81 23.64
N LEU A 637 -12.65 3.11 23.68
CA LEU A 637 -12.01 3.84 22.60
C LEU A 637 -10.79 3.08 22.10
N LEU A 638 -10.56 3.12 20.80
CA LEU A 638 -9.50 2.36 20.14
C LEU A 638 -8.42 3.32 19.68
N LEU A 639 -7.23 3.17 20.25
CA LEU A 639 -6.09 4.01 19.89
C LEU A 639 -5.03 3.16 19.22
N ARG A 640 -4.18 3.79 18.42
CA ARG A 640 -3.05 3.12 17.79
C ARG A 640 -1.79 3.97 17.90
N PHE A 641 -0.64 3.32 17.98
CA PHE A 641 0.63 3.99 18.08
C PHE A 641 1.69 3.19 17.32
N PRO A 642 2.55 3.86 16.55
CA PRO A 642 3.45 3.12 15.65
C PRO A 642 4.62 2.50 16.40
N TYR A 643 5.34 1.65 15.69
CA TYR A 643 6.55 1.07 16.24
C TYR A 643 7.64 2.13 16.32
N ALA A 644 8.26 2.25 17.50
CA ALA A 644 9.24 3.29 17.75
C ALA A 644 10.54 2.68 18.26
N ALA A 645 11.44 3.55 18.71
CA ALA A 645 12.73 3.12 19.23
C ALA A 645 13.17 4.02 20.40
N GLY B 61 14.02 3.40 -41.41
CA GLY B 61 14.77 4.41 -40.68
C GLY B 61 14.01 4.98 -39.51
N LEU B 62 12.69 5.07 -39.66
CA LEU B 62 11.84 5.56 -38.59
C LEU B 62 11.78 4.55 -37.44
N VAL B 63 11.79 3.26 -37.76
CA VAL B 63 11.67 2.22 -36.75
C VAL B 63 12.92 2.15 -35.90
N SER B 64 14.06 2.60 -36.44
CA SER B 64 15.26 2.72 -35.63
C SER B 64 15.18 3.91 -34.68
N ALA B 65 14.43 4.93 -35.08
CA ALA B 65 14.34 6.14 -34.25
C ALA B 65 13.33 5.97 -33.13
N CYS B 66 12.34 5.10 -33.33
CA CYS B 66 11.31 4.87 -32.30
C CYS B 66 11.89 4.19 -31.08
N GLY B 67 12.93 3.38 -31.27
CA GLY B 67 13.60 2.72 -30.18
C GLY B 67 14.44 3.67 -29.34
N ILE B 68 14.81 4.80 -29.93
CA ILE B 68 15.61 5.78 -29.20
C ILE B 68 14.76 6.47 -28.14
N ILE B 69 13.48 6.68 -28.43
CA ILE B 69 12.60 7.41 -27.51
C ILE B 69 12.11 6.47 -26.41
N VAL B 70 11.74 5.24 -26.78
CA VAL B 70 11.15 4.33 -25.81
C VAL B 70 12.24 3.73 -24.91
N GLY B 71 13.50 3.78 -25.36
CA GLY B 71 14.58 3.22 -24.57
C GLY B 71 14.93 4.07 -23.36
N ASN B 72 14.85 5.40 -23.52
CA ASN B 72 15.28 6.28 -22.44
C ASN B 72 14.10 6.74 -21.59
N ILE B 73 12.88 6.64 -22.12
CA ILE B 73 11.71 6.96 -21.31
C ILE B 73 11.46 5.85 -20.29
N ILE B 74 11.42 4.60 -20.75
CA ILE B 74 11.19 3.47 -19.86
C ILE B 74 12.43 3.16 -19.06
N GLY B 75 12.38 3.45 -17.76
CA GLY B 75 13.47 3.11 -16.87
C GLY B 75 12.97 2.46 -15.59
N SER B 76 13.44 2.95 -14.45
CA SER B 76 13.04 2.41 -13.15
C SER B 76 11.97 3.25 -12.49
N GLY B 77 11.06 3.82 -13.29
CA GLY B 77 9.94 4.55 -12.71
C GLY B 77 8.69 3.70 -12.63
N ILE B 78 8.65 2.60 -13.38
CA ILE B 78 7.52 1.68 -13.31
C ILE B 78 7.60 0.84 -12.04
N PHE B 79 8.76 0.83 -11.39
CA PHE B 79 8.93 0.01 -10.20
C PHE B 79 8.65 0.82 -8.94
N VAL B 80 8.62 2.14 -9.04
CA VAL B 80 8.46 2.97 -7.86
C VAL B 80 7.05 3.51 -7.75
N SER B 81 6.54 4.06 -8.85
CA SER B 81 5.24 4.72 -8.97
C SER B 81 3.98 3.96 -8.51
N PRO B 82 3.73 2.67 -8.88
CA PRO B 82 2.37 2.12 -8.67
C PRO B 82 1.97 1.92 -7.22
N LYS B 83 2.92 1.97 -6.29
CA LYS B 83 2.56 2.07 -4.88
C LYS B 83 2.05 3.47 -4.55
N GLY B 84 2.68 4.49 -5.13
CA GLY B 84 2.32 5.86 -4.79
C GLY B 84 1.15 6.38 -5.60
N VAL B 85 0.92 5.79 -6.78
CA VAL B 85 -0.29 6.12 -7.54
C VAL B 85 -1.52 5.52 -6.88
N LEU B 86 -1.41 4.28 -6.42
CA LEU B 86 -2.54 3.60 -5.79
C LEU B 86 -2.85 4.18 -4.42
N GLU B 87 -1.83 4.66 -3.71
CA GLU B 87 -2.05 5.22 -2.38
C GLU B 87 -2.78 6.56 -2.45
N ASN B 88 -2.56 7.31 -3.51
CA ASN B 88 -3.12 8.66 -3.62
C ASN B 88 -4.41 8.70 -4.44
N ALA B 89 -4.64 7.71 -5.30
CA ALA B 89 -5.89 7.66 -6.05
C ALA B 89 -6.94 6.78 -5.39
N GLY B 90 -6.55 5.98 -4.41
CA GLY B 90 -7.50 5.18 -3.66
C GLY B 90 -7.79 3.82 -4.27
N SER B 91 -8.54 3.80 -5.37
CA SER B 91 -9.03 2.56 -5.95
C SER B 91 -8.11 2.09 -7.07
N VAL B 92 -8.30 0.83 -7.46
CA VAL B 92 -7.49 0.24 -8.53
C VAL B 92 -7.94 0.75 -9.89
N GLY B 93 -9.26 0.87 -10.09
CA GLY B 93 -9.77 1.33 -11.37
C GLY B 93 -9.53 2.81 -11.62
N LEU B 94 -9.40 3.61 -10.56
CA LEU B 94 -9.03 5.01 -10.75
C LEU B 94 -7.54 5.16 -10.99
N ALA B 95 -6.73 4.21 -10.52
CA ALA B 95 -5.29 4.28 -10.74
C ALA B 95 -4.93 3.92 -12.18
N LEU B 96 -5.71 3.06 -12.84
CA LEU B 96 -5.45 2.76 -14.25
C LEU B 96 -5.92 3.87 -15.17
N ILE B 97 -6.76 4.78 -14.68
CA ILE B 97 -7.09 5.98 -15.44
C ILE B 97 -5.92 6.95 -15.43
N VAL B 98 -5.20 7.01 -14.30
CA VAL B 98 -4.10 7.96 -14.12
C VAL B 98 -2.94 7.62 -15.06
N TRP B 99 -2.66 6.33 -15.26
CA TRP B 99 -1.61 5.94 -16.19
C TRP B 99 -2.00 6.17 -17.64
N ILE B 100 -3.29 6.32 -17.93
CA ILE B 100 -3.75 6.61 -19.29
C ILE B 100 -3.77 8.11 -19.54
N VAL B 101 -4.20 8.89 -18.54
CA VAL B 101 -4.26 10.34 -18.68
C VAL B 101 -2.86 10.94 -18.77
N THR B 102 -1.92 10.40 -17.99
CA THR B 102 -0.55 10.91 -17.98
C THR B 102 0.17 10.62 -19.30
N GLY B 103 -0.07 9.45 -19.89
CA GLY B 103 0.56 9.12 -21.16
C GLY B 103 0.04 9.94 -22.31
N PHE B 104 -1.21 10.38 -22.25
CA PHE B 104 -1.74 11.28 -23.27
C PHE B 104 -1.18 12.68 -23.13
N ILE B 105 -0.98 13.12 -21.88
CA ILE B 105 -0.44 14.45 -21.61
C ILE B 105 1.02 14.55 -22.05
N THR B 106 1.79 13.46 -21.90
CA THR B 106 3.16 13.43 -22.38
C THR B 106 3.23 13.51 -23.90
N VAL B 107 2.27 12.91 -24.61
CA VAL B 107 2.19 13.03 -26.05
C VAL B 107 1.88 14.47 -26.46
N VAL B 108 1.01 15.14 -25.70
CA VAL B 108 0.76 16.56 -25.91
C VAL B 108 1.98 17.37 -25.54
N GLY B 109 2.68 16.99 -24.46
CA GLY B 109 3.84 17.74 -24.04
C GLY B 109 5.04 17.58 -24.96
N ALA B 110 5.28 16.36 -25.43
CA ALA B 110 6.39 16.12 -26.35
C ALA B 110 6.08 16.53 -27.78
N LEU B 111 4.86 16.97 -28.06
CA LEU B 111 4.58 17.58 -29.36
C LEU B 111 5.04 19.03 -29.37
N CYS B 112 4.66 19.81 -28.36
CA CYS B 112 5.02 21.22 -28.33
C CYS B 112 6.50 21.44 -28.04
N TYR B 113 7.20 20.43 -27.52
CA TYR B 113 8.65 20.54 -27.42
C TYR B 113 9.32 20.26 -28.75
N ALA B 114 8.65 19.54 -29.65
CA ALA B 114 9.23 19.27 -30.95
C ALA B 114 9.11 20.47 -31.88
N GLU B 115 8.13 21.33 -31.62
CA GLU B 115 7.95 22.50 -32.46
C GLU B 115 9.00 23.56 -32.21
N LEU B 116 9.43 23.71 -30.95
CA LEU B 116 10.52 24.64 -30.66
C LEU B 116 11.85 24.09 -31.11
N GLY B 117 11.96 22.76 -31.29
CA GLY B 117 13.19 22.17 -31.74
C GLY B 117 13.44 22.31 -33.23
N VAL B 118 12.45 22.73 -34.00
CA VAL B 118 12.62 22.94 -35.43
C VAL B 118 12.49 24.42 -35.75
N THR B 119 11.98 25.20 -34.79
CA THR B 119 11.83 26.64 -35.02
C THR B 119 13.05 27.40 -34.56
N ILE B 120 13.47 27.19 -33.31
CA ILE B 120 14.62 27.87 -32.73
C ILE B 120 15.69 26.85 -32.32
N PRO B 121 16.33 26.17 -33.28
CA PRO B 121 17.19 25.03 -32.95
C PRO B 121 18.52 25.46 -32.38
N LYS B 122 18.77 25.06 -31.13
CA LYS B 122 20.01 25.37 -30.44
C LYS B 122 20.32 24.24 -29.48
N SER B 123 21.61 24.05 -29.23
CA SER B 123 22.03 23.06 -28.24
C SER B 123 21.75 23.58 -26.83
N GLY B 124 21.37 22.66 -25.95
CA GLY B 124 20.90 22.99 -24.62
C GLY B 124 19.46 22.61 -24.37
N GLY B 125 18.63 22.66 -25.41
CA GLY B 125 17.28 22.14 -25.34
C GLY B 125 16.31 22.98 -24.54
N ASP B 126 15.94 22.49 -23.36
CA ASP B 126 14.96 23.16 -22.51
C ASP B 126 15.48 24.49 -21.99
N TYR B 127 16.78 24.58 -21.72
CA TYR B 127 17.35 25.80 -21.15
C TYR B 127 17.40 26.92 -22.19
N SER B 128 17.56 26.59 -23.46
CA SER B 128 17.68 27.62 -24.49
C SER B 128 16.33 28.08 -25.02
N TYR B 129 15.26 27.34 -24.78
CA TYR B 129 13.94 27.80 -25.20
C TYR B 129 13.44 28.93 -24.32
N VAL B 130 13.72 28.85 -23.01
CA VAL B 130 13.39 29.93 -22.11
C VAL B 130 14.33 31.12 -22.32
N LYS B 131 15.56 30.85 -22.78
CA LYS B 131 16.56 31.88 -23.05
C LYS B 131 16.14 32.84 -24.17
N ASP B 132 15.17 32.45 -25.00
CA ASP B 132 14.74 33.34 -26.07
C ASP B 132 13.58 34.23 -25.65
N ILE B 133 12.79 33.80 -24.67
CA ILE B 133 11.62 34.54 -24.22
C ILE B 133 11.87 34.96 -22.78
N PHE B 134 12.21 36.24 -22.59
CA PHE B 134 12.67 36.82 -21.32
C PHE B 134 13.84 36.02 -20.76
N GLY B 135 14.90 35.94 -21.54
CA GLY B 135 15.97 35.02 -21.27
C GLY B 135 17.01 35.45 -20.28
N GLY B 136 16.93 36.67 -19.77
CA GLY B 136 17.88 37.09 -18.76
C GLY B 136 17.62 36.40 -17.45
N LEU B 137 16.48 36.71 -16.82
CA LEU B 137 16.19 36.16 -15.51
C LEU B 137 15.65 34.74 -15.61
N ALA B 138 14.62 34.54 -16.44
CA ALA B 138 13.92 33.27 -16.49
C ALA B 138 14.76 32.13 -17.05
N GLY B 139 15.74 32.44 -17.90
CA GLY B 139 16.59 31.39 -18.43
C GLY B 139 17.55 30.82 -17.40
N PHE B 140 18.03 31.68 -16.50
CA PHE B 140 18.92 31.20 -15.46
C PHE B 140 18.19 30.38 -14.43
N LEU B 141 16.92 30.70 -14.15
CA LEU B 141 16.15 29.96 -13.17
C LEU B 141 15.75 28.58 -13.68
N ARG B 142 15.64 28.42 -15.00
CA ARG B 142 15.47 27.09 -15.58
C ARG B 142 16.67 26.20 -15.30
N LEU B 143 17.87 26.76 -15.32
CA LEU B 143 19.11 26.02 -15.11
C LEU B 143 19.56 26.01 -13.65
N TRP B 144 19.10 26.98 -12.86
CA TRP B 144 19.36 26.96 -11.42
C TRP B 144 18.61 25.83 -10.74
N ILE B 145 17.46 25.45 -11.27
CA ILE B 145 16.67 24.36 -10.69
C ILE B 145 17.17 23.01 -11.18
N ALA B 146 17.49 22.91 -12.46
CA ALA B 146 17.98 21.66 -13.04
C ALA B 146 19.37 21.27 -12.56
N VAL B 147 20.10 22.20 -11.93
CA VAL B 147 21.41 21.88 -11.36
C VAL B 147 21.30 21.47 -9.90
N LEU B 148 20.46 22.12 -9.10
CA LEU B 148 20.34 21.83 -7.68
C LEU B 148 19.18 20.90 -7.32
N VAL B 149 18.07 20.96 -8.04
CA VAL B 149 16.84 20.32 -7.61
C VAL B 149 16.48 19.12 -8.49
N ILE B 150 16.49 19.29 -9.82
CA ILE B 150 15.97 18.26 -10.71
C ILE B 150 16.95 17.11 -10.84
N TYR B 151 18.18 17.41 -11.27
CA TYR B 151 19.14 16.34 -11.55
C TYR B 151 19.68 15.64 -10.30
N PRO B 152 19.92 16.30 -9.15
CA PRO B 152 20.25 15.50 -7.95
C PRO B 152 19.11 14.62 -7.46
N THR B 153 17.91 15.16 -7.29
CA THR B 153 16.83 14.37 -6.69
C THR B 153 16.19 13.41 -7.70
N ASN B 154 16.65 13.37 -8.94
CA ASN B 154 16.24 12.28 -9.82
C ASN B 154 17.16 11.08 -9.66
N GLN B 155 18.41 11.32 -9.26
CA GLN B 155 19.33 10.22 -9.02
C GLN B 155 19.18 9.66 -7.62
N ALA B 156 18.82 10.51 -6.64
CA ALA B 156 18.64 10.04 -5.28
C ALA B 156 17.43 9.14 -5.12
N VAL B 157 16.39 9.36 -5.93
CA VAL B 157 15.22 8.50 -5.89
C VAL B 157 15.54 7.13 -6.47
N ILE B 158 16.28 7.10 -7.58
CA ILE B 158 16.66 5.84 -8.21
C ILE B 158 17.74 5.15 -7.39
N ALA B 159 18.58 5.90 -6.68
CA ALA B 159 19.54 5.28 -5.79
C ALA B 159 18.85 4.67 -4.57
N LEU B 160 17.84 5.35 -4.02
CA LEU B 160 17.10 4.80 -2.90
C LEU B 160 16.20 3.64 -3.34
N THR B 161 15.85 3.56 -4.62
CA THR B 161 15.16 2.38 -5.12
C THR B 161 16.07 1.16 -5.14
N PHE B 162 17.36 1.37 -5.40
CA PHE B 162 18.30 0.25 -5.46
C PHE B 162 18.50 -0.39 -4.09
N SER B 163 18.62 0.42 -3.04
CA SER B 163 18.80 -0.14 -1.70
C SER B 163 17.50 -0.75 -1.19
N ASN B 164 16.36 -0.19 -1.58
CA ASN B 164 15.09 -0.72 -1.11
C ASN B 164 14.73 -2.04 -1.77
N TYR B 165 15.32 -2.35 -2.93
CA TYR B 165 14.95 -3.57 -3.62
C TYR B 165 15.92 -4.71 -3.40
N VAL B 166 17.15 -4.41 -3.00
CA VAL B 166 18.08 -5.47 -2.61
C VAL B 166 17.86 -5.86 -1.15
N LEU B 167 17.19 -5.02 -0.36
CA LEU B 167 16.87 -5.32 1.02
C LEU B 167 15.38 -5.58 1.21
N GLN B 168 14.69 -6.04 0.17
CA GLN B 168 13.40 -6.71 0.34
C GLN B 168 13.50 -8.22 0.59
N PRO B 169 14.38 -9.04 -0.11
CA PRO B 169 14.50 -10.45 0.28
C PRO B 169 15.01 -10.66 1.70
N LEU B 170 16.12 -10.03 2.05
CA LEU B 170 16.40 -9.79 3.45
C LEU B 170 15.35 -8.81 3.96
N PHE B 171 14.86 -9.03 5.18
CA PHE B 171 13.80 -8.26 5.83
C PHE B 171 12.52 -8.22 4.99
N PRO B 172 11.80 -9.34 4.81
CA PRO B 172 10.67 -9.33 3.87
C PRO B 172 9.37 -8.76 4.43
N THR B 173 9.14 -8.88 5.73
CA THR B 173 7.90 -8.40 6.34
C THR B 173 8.12 -7.37 7.43
N CYS B 174 9.35 -7.09 7.81
CA CYS B 174 9.70 -6.06 8.76
C CYS B 174 10.22 -4.83 8.03
N PHE B 175 10.77 -3.89 8.78
CA PHE B 175 11.28 -2.72 8.08
C PHE B 175 12.81 -2.77 7.99
N PRO B 176 13.37 -2.36 6.86
CA PRO B 176 14.83 -2.27 6.75
C PRO B 176 15.35 -1.10 7.58
N PRO B 177 16.64 -1.08 7.92
CA PRO B 177 17.16 0.00 8.77
C PRO B 177 17.10 1.35 8.11
N GLU B 178 17.01 2.39 8.95
CA GLU B 178 16.89 3.75 8.44
C GLU B 178 18.22 4.28 7.92
N SER B 179 19.33 3.71 8.38
CA SER B 179 20.65 4.10 7.90
C SER B 179 21.35 2.99 7.12
N GLY B 180 20.67 1.86 6.89
CA GLY B 180 21.14 0.87 5.96
C GLY B 180 20.69 1.11 4.55
N LEU B 181 19.82 2.11 4.36
CA LEU B 181 19.41 2.56 3.04
C LEU B 181 20.13 3.83 2.61
N ARG B 182 20.50 4.70 3.57
CA ARG B 182 21.26 5.89 3.24
C ARG B 182 22.72 5.57 2.94
N LEU B 183 23.20 4.40 3.32
CA LEU B 183 24.58 4.02 3.05
C LEU B 183 24.71 3.05 1.90
N LEU B 184 23.65 2.33 1.56
CA LEU B 184 23.69 1.45 0.41
C LEU B 184 23.28 2.15 -0.87
N ALA B 185 22.58 3.28 -0.77
CA ALA B 185 22.28 4.10 -1.93
C ALA B 185 23.43 5.03 -2.27
N ALA B 186 24.20 5.46 -1.27
CA ALA B 186 25.41 6.25 -1.48
C ALA B 186 26.58 5.41 -1.98
N ILE B 187 26.43 4.09 -2.05
CA ILE B 187 27.45 3.23 -2.60
C ILE B 187 27.24 3.06 -4.11
N CYS B 188 25.99 2.93 -4.53
CA CYS B 188 25.65 2.93 -5.95
C CYS B 188 25.99 4.26 -6.62
N LEU B 189 25.83 5.36 -5.90
CA LEU B 189 26.10 6.68 -6.45
C LEU B 189 27.61 6.93 -6.57
N LEU B 190 28.34 6.76 -5.46
CA LEU B 190 29.77 7.05 -5.45
C LEU B 190 30.58 6.09 -6.31
N LEU B 191 30.07 4.89 -6.58
CA LEU B 191 30.77 4.02 -7.52
C LEU B 191 30.53 4.45 -8.95
N LEU B 192 29.30 4.86 -9.27
CA LEU B 192 28.96 5.19 -10.65
C LEU B 192 29.56 6.51 -11.11
N THR B 193 29.72 7.50 -10.23
CA THR B 193 30.44 8.70 -10.63
C THR B 193 31.93 8.46 -10.79
N TRP B 194 32.49 7.46 -10.11
CA TRP B 194 33.86 7.05 -10.42
C TRP B 194 33.93 6.40 -11.78
N VAL B 195 32.95 5.54 -12.11
CA VAL B 195 32.90 4.90 -13.42
C VAL B 195 32.68 5.93 -14.51
N ASN B 196 31.76 6.86 -14.24
CA ASN B 196 31.38 7.90 -15.20
C ASN B 196 32.48 8.88 -15.60
N CYS B 197 33.25 9.34 -14.63
CA CYS B 197 34.32 10.28 -14.90
C CYS B 197 35.37 9.61 -15.78
N SER B 198 35.63 8.35 -15.46
CA SER B 198 36.63 7.56 -16.19
C SER B 198 36.28 7.17 -17.62
N SER B 199 37.31 7.16 -18.45
CA SER B 199 37.27 6.77 -19.87
C SER B 199 35.87 6.45 -20.36
N VAL B 200 35.06 7.49 -20.63
CA VAL B 200 33.62 7.47 -20.94
C VAL B 200 33.18 6.38 -21.93
N ARG B 201 34.09 5.87 -22.78
CA ARG B 201 33.86 4.66 -23.56
C ARG B 201 33.51 3.45 -22.66
N TRP B 202 34.04 3.41 -21.44
CA TRP B 202 33.63 2.38 -20.49
C TRP B 202 32.21 2.60 -20.01
N ALA B 203 31.83 3.86 -19.78
CA ALA B 203 30.53 4.19 -19.21
C ALA B 203 29.36 3.95 -20.15
N THR B 204 29.61 3.83 -21.45
CA THR B 204 28.57 3.48 -22.40
C THR B 204 28.54 2.00 -22.74
N ARG B 205 29.69 1.32 -22.70
CA ARG B 205 29.73 -0.11 -22.94
C ARG B 205 29.20 -0.93 -21.78
N VAL B 206 28.99 -0.31 -20.62
CA VAL B 206 28.34 -0.97 -19.50
C VAL B 206 26.85 -0.64 -19.45
N GLN B 207 26.39 0.32 -20.25
CA GLN B 207 25.00 0.75 -20.17
C GLN B 207 24.05 -0.16 -20.91
N ASP B 208 24.54 -0.98 -21.84
CA ASP B 208 23.71 -1.98 -22.50
C ASP B 208 23.61 -3.26 -21.69
N ILE B 209 24.41 -3.40 -20.64
CA ILE B 209 24.21 -4.46 -19.65
C ILE B 209 23.03 -4.13 -18.75
N PHE B 210 22.95 -2.87 -18.31
CA PHE B 210 21.85 -2.45 -17.46
C PHE B 210 20.55 -2.33 -18.27
N THR B 211 20.66 -2.10 -19.57
CA THR B 211 19.47 -2.03 -20.42
C THR B 211 18.88 -3.41 -20.63
N ALA B 212 19.72 -4.45 -20.60
CA ALA B 212 19.21 -5.82 -20.73
C ALA B 212 18.48 -6.25 -19.47
N GLY B 213 18.83 -5.66 -18.33
CA GLY B 213 18.16 -5.99 -17.09
C GLY B 213 16.72 -5.48 -17.03
N LYS B 214 16.51 -4.25 -17.50
CA LYS B 214 15.16 -3.69 -17.47
C LYS B 214 14.31 -4.23 -18.61
N LEU B 215 14.94 -4.92 -19.58
CA LEU B 215 14.16 -5.62 -20.60
C LEU B 215 13.84 -7.04 -20.16
N LEU B 216 14.70 -7.64 -19.34
CA LEU B 216 14.40 -8.95 -18.80
C LEU B 216 13.36 -8.86 -17.70
N ALA B 217 13.41 -7.80 -16.89
CA ALA B 217 12.49 -7.67 -15.77
C ALA B 217 11.09 -7.30 -16.25
N LEU B 218 10.99 -6.38 -17.21
CA LEU B 218 9.67 -5.95 -17.67
C LEU B 218 9.03 -6.98 -18.59
N ALA B 219 9.83 -7.85 -19.19
CA ALA B 219 9.24 -8.98 -19.92
C ALA B 219 8.62 -9.98 -18.95
N LEU B 220 9.30 -10.27 -17.85
CA LEU B 220 8.84 -11.23 -16.86
C LEU B 220 7.57 -10.78 -16.15
N ILE B 221 7.35 -9.47 -16.02
CA ILE B 221 6.08 -8.99 -15.50
C ILE B 221 4.98 -9.21 -16.53
N ILE B 222 5.32 -9.11 -17.81
CA ILE B 222 4.31 -9.22 -18.86
C ILE B 222 3.92 -10.68 -19.09
N ILE B 223 4.90 -11.58 -19.22
CA ILE B 223 4.57 -12.96 -19.60
C ILE B 223 3.97 -13.71 -18.43
N MET B 224 4.40 -13.40 -17.20
CA MET B 224 3.72 -13.96 -16.04
C MET B 224 2.41 -13.26 -15.77
N GLY B 225 2.26 -12.04 -16.28
CA GLY B 225 0.96 -11.38 -16.19
C GLY B 225 -0.06 -12.00 -17.10
N ILE B 226 0.34 -12.26 -18.36
CA ILE B 226 -0.61 -12.75 -19.36
C ILE B 226 -0.97 -14.21 -19.10
N VAL B 227 -0.15 -14.94 -18.35
CA VAL B 227 -0.53 -16.28 -17.90
C VAL B 227 -1.67 -16.21 -16.90
N GLN B 228 -1.63 -15.22 -16.01
CA GLN B 228 -2.69 -15.08 -15.03
C GLN B 228 -3.95 -14.48 -15.64
N ILE B 229 -3.84 -13.86 -16.81
CA ILE B 229 -5.03 -13.39 -17.51
C ILE B 229 -5.84 -14.56 -18.06
N CYS B 230 -5.16 -15.56 -18.63
CA CYS B 230 -5.85 -16.75 -19.12
C CYS B 230 -6.02 -17.77 -18.01
N LYS B 231 -6.60 -17.35 -16.88
CA LYS B 231 -6.85 -18.18 -15.72
C LYS B 231 -8.00 -17.57 -14.96
N GLY B 232 -8.17 -18.00 -13.71
CA GLY B 232 -9.18 -17.43 -12.85
C GLY B 232 -8.65 -16.36 -11.93
N GLU B 233 -7.51 -15.79 -12.29
CA GLU B 233 -6.85 -14.76 -11.47
C GLU B 233 -7.21 -13.34 -11.89
N TYR B 234 -8.34 -13.16 -12.59
CA TYR B 234 -8.73 -11.84 -13.04
C TYR B 234 -9.73 -11.20 -12.09
N PHE B 235 -9.62 -11.49 -10.80
CA PHE B 235 -10.62 -11.10 -9.80
C PHE B 235 -10.66 -9.60 -9.56
N TRP B 236 -9.52 -8.99 -9.21
CA TRP B 236 -9.53 -7.59 -8.81
C TRP B 236 -9.61 -6.67 -10.01
N LEU B 237 -9.00 -7.06 -11.13
CA LEU B 237 -8.92 -6.16 -12.26
C LEU B 237 -10.16 -6.22 -13.15
N GLU B 238 -10.43 -7.38 -13.72
CA GLU B 238 -11.41 -7.57 -14.80
C GLU B 238 -12.86 -7.36 -14.36
N PRO B 239 -13.15 -7.48 -13.06
CA PRO B 239 -14.57 -7.48 -12.65
C PRO B 239 -15.27 -6.15 -12.80
N LYS B 240 -14.52 -5.04 -12.75
CA LYS B 240 -14.97 -3.65 -12.91
C LYS B 240 -15.97 -3.19 -11.85
N ASN B 241 -16.21 -3.99 -10.81
CA ASN B 241 -17.03 -3.58 -9.68
C ASN B 241 -16.21 -3.39 -8.42
N ALA B 242 -14.97 -3.89 -8.40
CA ALA B 242 -14.05 -3.70 -7.29
C ALA B 242 -13.27 -2.42 -7.57
N PHE B 243 -13.91 -1.27 -7.35
CA PHE B 243 -13.31 0.03 -7.59
C PHE B 243 -13.64 1.01 -6.47
N GLU B 244 -13.78 0.53 -5.23
CA GLU B 244 -14.14 1.36 -4.10
C GLU B 244 -13.01 1.33 -3.07
N ASN B 245 -12.70 2.49 -2.51
CA ASN B 245 -11.67 2.63 -1.49
C ASN B 245 -11.95 3.90 -0.71
N PHE B 246 -10.93 4.34 0.04
CA PHE B 246 -11.02 5.54 0.86
C PHE B 246 -11.28 6.79 0.03
N GLN B 247 -12.49 7.34 0.13
CA GLN B 247 -12.91 8.49 -0.65
C GLN B 247 -12.72 9.80 0.08
N GLU B 248 -12.25 9.76 1.33
CA GLU B 248 -11.86 11.00 2.02
C GLU B 248 -10.69 11.73 1.36
N PRO B 249 -9.77 11.09 0.62
CA PRO B 249 -9.00 11.82 -0.38
C PRO B 249 -9.88 12.61 -1.34
N ASP B 250 -9.59 13.90 -1.46
CA ASP B 250 -10.29 14.80 -2.38
C ASP B 250 -9.72 14.65 -3.79
N ILE B 251 -10.06 15.63 -4.62
CA ILE B 251 -9.39 15.81 -5.91
C ILE B 251 -7.92 16.16 -5.69
N GLY B 252 -7.62 16.85 -4.59
CA GLY B 252 -6.27 17.30 -4.33
C GLY B 252 -5.32 16.17 -3.97
N LEU B 253 -5.84 14.98 -3.67
CA LEU B 253 -4.95 13.83 -3.50
C LEU B 253 -4.82 13.05 -4.80
N VAL B 254 -5.72 13.31 -5.76
CA VAL B 254 -5.54 12.76 -7.11
C VAL B 254 -4.49 13.58 -7.85
N ALA B 255 -4.30 14.84 -7.45
CA ALA B 255 -3.25 15.67 -8.05
C ALA B 255 -1.86 15.18 -7.67
N LEU B 256 -1.71 14.65 -6.45
CA LEU B 256 -0.45 14.03 -6.07
C LEU B 256 -0.24 12.68 -6.75
N ALA B 257 -1.30 12.08 -7.28
CA ALA B 257 -1.15 10.84 -8.04
C ALA B 257 -0.68 11.12 -9.46
N PHE B 258 -0.71 12.38 -9.89
CA PHE B 258 -0.12 12.77 -11.15
C PHE B 258 1.31 13.24 -11.00
N LEU B 259 1.71 13.66 -9.80
CA LEU B 259 3.11 13.97 -9.53
C LEU B 259 3.97 12.72 -9.57
N GLN B 260 3.38 11.57 -9.24
CA GLN B 260 4.11 10.31 -9.17
C GLN B 260 3.83 9.41 -10.35
N GLY B 261 2.77 9.68 -11.12
CA GLY B 261 2.49 8.90 -12.29
C GLY B 261 3.34 9.30 -13.48
N SER B 262 3.88 10.52 -13.44
CA SER B 262 4.73 11.04 -14.50
C SER B 262 6.21 10.98 -14.17
N PHE B 263 6.57 10.51 -12.98
CA PHE B 263 7.96 10.18 -12.74
C PHE B 263 8.40 9.01 -13.61
N ALA B 264 7.48 8.09 -13.90
CA ALA B 264 7.77 6.98 -14.78
C ALA B 264 7.86 7.40 -16.24
N TYR B 265 7.22 8.50 -16.62
CA TYR B 265 7.26 9.02 -17.98
C TYR B 265 8.36 10.03 -18.19
N GLY B 266 9.05 10.45 -17.13
CA GLY B 266 10.00 11.53 -17.23
C GLY B 266 11.23 11.15 -18.04
N GLY B 267 11.87 12.17 -18.60
CA GLY B 267 12.96 11.98 -19.51
C GLY B 267 12.57 12.03 -20.98
N TRP B 268 11.50 12.74 -21.33
CA TRP B 268 11.09 12.82 -22.73
C TRP B 268 11.55 14.13 -23.36
N ASN B 269 11.83 15.13 -22.54
CA ASN B 269 12.06 16.48 -23.06
C ASN B 269 13.45 16.63 -23.67
N PHE B 270 14.47 16.08 -23.02
CA PHE B 270 15.82 16.25 -23.55
C PHE B 270 16.17 15.19 -24.58
N LEU B 271 15.20 14.37 -24.97
CA LEU B 271 15.46 13.36 -26.00
C LEU B 271 15.24 13.91 -27.39
N ASN B 272 14.23 14.75 -27.57
CA ASN B 272 13.71 15.03 -28.91
C ASN B 272 14.63 15.91 -29.73
N TYR B 273 15.49 16.64 -29.03
CA TYR B 273 16.47 17.50 -29.66
C TYR B 273 17.73 16.70 -29.96
N VAL B 274 17.77 15.46 -29.49
CA VAL B 274 18.91 14.60 -29.71
C VAL B 274 18.65 13.68 -30.90
N THR B 275 17.37 13.45 -31.19
CA THR B 275 16.97 12.61 -32.30
C THR B 275 17.32 13.29 -33.61
N GLU B 276 18.04 14.40 -33.52
CA GLU B 276 18.45 15.16 -34.69
C GLU B 276 18.93 14.26 -35.82
N GLU B 277 19.73 13.26 -35.47
CA GLU B 277 20.25 12.33 -36.45
C GLU B 277 19.15 11.85 -37.38
N LEU B 278 17.90 11.99 -36.92
CA LEU B 278 16.74 11.56 -37.70
C LEU B 278 16.88 11.92 -39.17
N VAL B 279 16.21 11.15 -40.03
CA VAL B 279 16.27 11.38 -41.47
C VAL B 279 15.65 12.73 -41.83
N ASP B 280 14.52 12.71 -42.52
CA ASP B 280 13.85 13.94 -42.91
C ASP B 280 12.83 14.38 -41.88
N PRO B 281 13.27 15.11 -40.86
CA PRO B 281 12.36 15.60 -39.83
C PRO B 281 11.33 16.53 -40.46
N TYR B 282 10.57 17.22 -39.62
CA TYR B 282 9.55 18.14 -40.10
C TYR B 282 8.33 17.36 -40.55
N LYS B 283 8.20 16.14 -40.04
CA LYS B 283 7.09 15.27 -40.38
C LYS B 283 7.34 13.89 -39.79
N ASN B 284 8.61 13.55 -39.63
CA ASN B 284 8.97 12.26 -39.07
C ASN B 284 9.11 12.31 -37.56
N LEU B 285 9.90 13.26 -37.06
CA LEU B 285 10.09 13.40 -35.62
C LEU B 285 8.76 13.35 -34.92
N PRO B 286 7.72 13.88 -35.56
CA PRO B 286 6.38 13.86 -34.99
C PRO B 286 5.89 12.42 -35.12
N ARG B 287 5.74 11.99 -36.37
CA ARG B 287 5.35 10.62 -36.67
C ARG B 287 6.06 9.63 -35.76
N ALA B 288 7.18 10.04 -35.15
CA ALA B 288 7.87 9.17 -34.20
C ALA B 288 7.28 9.27 -32.80
N ILE B 289 6.79 10.45 -32.41
CA ILE B 289 6.18 10.63 -31.10
C ILE B 289 4.85 9.90 -30.99
N PHE B 290 4.05 9.88 -32.04
CA PHE B 290 2.76 9.20 -32.03
C PHE B 290 2.87 7.68 -32.04
N ILE B 291 4.07 7.13 -32.22
CA ILE B 291 4.28 5.69 -32.15
C ILE B 291 4.97 5.28 -30.85
N SER B 292 5.93 6.06 -30.36
CA SER B 292 6.76 5.62 -29.24
C SER B 292 6.05 5.76 -27.90
N ILE B 293 5.51 6.94 -27.61
CA ILE B 293 5.01 7.25 -26.27
C ILE B 293 3.68 6.54 -25.95
N PRO B 294 2.72 6.36 -26.87
CA PRO B 294 1.63 5.41 -26.57
C PRO B 294 2.06 3.96 -26.46
N LEU B 295 3.23 3.57 -26.96
CA LEU B 295 3.74 2.24 -26.71
C LEU B 295 4.36 2.13 -25.32
N VAL B 296 4.77 3.25 -24.72
CA VAL B 296 5.16 3.24 -23.32
C VAL B 296 3.93 3.10 -22.43
N THR B 297 2.86 3.80 -22.78
CA THR B 297 1.62 3.76 -22.00
C THR B 297 0.95 2.39 -22.10
N PHE B 298 1.16 1.69 -23.21
CA PHE B 298 0.69 0.31 -23.32
C PHE B 298 1.44 -0.60 -22.35
N VAL B 299 2.75 -0.41 -22.23
CA VAL B 299 3.57 -1.24 -21.35
C VAL B 299 3.29 -0.90 -19.89
N TYR B 300 3.15 0.39 -19.57
CA TYR B 300 2.96 0.81 -18.18
C TYR B 300 1.60 0.41 -17.64
N VAL B 301 0.60 0.27 -18.51
CA VAL B 301 -0.71 -0.21 -18.08
C VAL B 301 -0.71 -1.72 -17.93
N PHE B 302 -0.10 -2.43 -18.89
CA PHE B 302 -0.08 -3.89 -18.84
C PHE B 302 0.82 -4.40 -17.72
N ALA B 303 1.86 -3.65 -17.36
CA ALA B 303 2.69 -4.06 -16.23
C ALA B 303 2.06 -3.65 -14.90
N ASN B 304 1.06 -2.78 -14.93
CA ASN B 304 0.32 -2.45 -13.72
C ASN B 304 -0.90 -3.33 -13.55
N VAL B 305 -1.47 -3.82 -14.64
CA VAL B 305 -2.49 -4.86 -14.56
C VAL B 305 -1.87 -6.13 -13.97
N ALA B 306 -0.65 -6.46 -14.39
CA ALA B 306 0.04 -7.64 -13.88
C ALA B 306 0.46 -7.50 -12.42
N TYR B 307 0.53 -6.28 -11.89
CA TYR B 307 0.83 -6.12 -10.48
C TYR B 307 -0.38 -6.47 -9.61
N VAL B 308 -1.59 -6.20 -10.09
CA VAL B 308 -2.77 -6.40 -9.27
C VAL B 308 -3.38 -7.79 -9.43
N THR B 309 -3.04 -8.52 -10.49
CA THR B 309 -3.47 -9.91 -10.59
C THR B 309 -2.65 -10.83 -9.72
N ALA B 310 -1.52 -10.36 -9.19
CA ALA B 310 -0.67 -11.17 -8.33
C ALA B 310 -0.97 -11.00 -6.85
N MET B 311 -1.38 -9.80 -6.43
CA MET B 311 -1.53 -9.52 -5.01
C MET B 311 -2.70 -8.58 -4.79
N SER B 312 -3.08 -8.45 -3.53
CA SER B 312 -4.14 -7.53 -3.16
C SER B 312 -3.66 -6.10 -3.29
N PRO B 313 -4.57 -5.14 -3.54
CA PRO B 313 -4.18 -3.73 -3.49
C PRO B 313 -3.73 -3.28 -2.11
N GLN B 314 -4.30 -3.84 -1.03
CA GLN B 314 -3.79 -3.55 0.30
C GLN B 314 -2.44 -4.23 0.53
N GLU B 315 -2.23 -5.39 -0.09
CA GLU B 315 -0.93 -6.04 -0.04
C GLU B 315 0.12 -5.28 -0.84
N LEU B 316 -0.30 -4.59 -1.90
CA LEU B 316 0.62 -3.83 -2.73
C LEU B 316 1.12 -2.58 -2.02
N LEU B 317 0.29 -2.00 -1.15
CA LEU B 317 0.68 -0.79 -0.42
C LEU B 317 1.54 -1.08 0.80
N ALA B 318 1.71 -2.35 1.18
CA ALA B 318 2.49 -2.66 2.38
C ALA B 318 3.97 -2.84 2.06
N SER B 319 4.29 -3.36 0.88
CA SER B 319 5.66 -3.67 0.53
C SER B 319 6.41 -2.41 0.13
N ASN B 320 7.71 -2.41 0.41
CA ASN B 320 8.60 -1.36 -0.08
C ASN B 320 9.06 -1.61 -1.50
N ALA B 321 8.93 -2.83 -2.00
CA ALA B 321 9.37 -3.20 -3.34
C ALA B 321 8.27 -3.98 -4.03
N VAL B 322 7.66 -3.37 -5.05
CA VAL B 322 6.48 -3.96 -5.69
C VAL B 322 6.88 -5.05 -6.66
N ALA B 323 8.05 -4.94 -7.28
CA ALA B 323 8.41 -5.85 -8.36
C ALA B 323 8.81 -7.22 -7.85
N VAL B 324 9.31 -7.31 -6.62
CA VAL B 324 9.77 -8.58 -6.09
C VAL B 324 8.73 -9.24 -5.16
N THR B 325 7.79 -8.46 -4.62
CA THR B 325 6.61 -9.07 -4.02
C THR B 325 5.79 -9.81 -5.07
N PHE B 326 5.80 -9.30 -6.32
CA PHE B 326 5.36 -10.08 -7.47
C PHE B 326 6.20 -11.34 -7.64
N GLY B 327 7.51 -11.24 -7.37
CA GLY B 327 8.40 -12.35 -7.65
C GLY B 327 8.38 -13.44 -6.60
N GLU B 328 8.06 -13.10 -5.35
CA GLU B 328 7.95 -14.15 -4.33
C GLU B 328 6.71 -15.00 -4.52
N LYS B 329 5.73 -14.51 -5.28
CA LYS B 329 4.65 -15.33 -5.78
C LYS B 329 4.93 -15.69 -7.24
N LEU B 330 4.05 -16.53 -7.79
CA LEU B 330 3.88 -16.87 -9.21
C LEU B 330 4.98 -17.78 -9.77
N LEU B 331 6.08 -17.96 -9.05
CA LEU B 331 7.07 -19.02 -9.22
C LEU B 331 7.92 -19.07 -7.96
N GLY B 332 8.73 -20.11 -7.86
CA GLY B 332 9.67 -20.23 -6.76
C GLY B 332 11.07 -19.82 -7.15
N VAL B 333 11.34 -19.76 -8.45
CA VAL B 333 12.67 -19.40 -8.94
C VAL B 333 12.81 -17.89 -9.13
N MET B 334 11.71 -17.16 -9.27
CA MET B 334 11.82 -15.72 -9.52
C MET B 334 12.13 -14.91 -8.25
N ALA B 335 12.32 -15.55 -7.10
CA ALA B 335 12.85 -14.82 -5.96
C ALA B 335 14.32 -14.48 -6.12
N TRP B 336 15.01 -15.13 -7.07
CA TRP B 336 16.41 -14.86 -7.31
C TRP B 336 16.62 -13.83 -8.43
N ILE B 337 15.70 -13.75 -9.39
CA ILE B 337 15.92 -12.90 -10.56
C ILE B 337 15.04 -11.66 -10.57
N MET B 338 14.08 -11.54 -9.68
CA MET B 338 13.38 -10.26 -9.52
C MET B 338 14.18 -9.18 -8.78
N PRO B 339 15.01 -9.47 -7.76
CA PRO B 339 15.88 -8.38 -7.29
C PRO B 339 17.03 -8.07 -8.23
N ILE B 340 17.54 -9.08 -8.95
CA ILE B 340 18.74 -8.88 -9.74
C ILE B 340 18.44 -8.09 -11.00
N SER B 341 17.35 -8.44 -11.69
CA SER B 341 17.01 -7.77 -12.94
C SER B 341 16.37 -6.41 -12.75
N VAL B 342 16.12 -5.99 -11.52
CA VAL B 342 15.61 -4.65 -11.24
C VAL B 342 16.66 -3.77 -10.56
N ALA B 343 17.57 -4.34 -9.77
CA ALA B 343 18.73 -3.59 -9.33
C ALA B 343 19.67 -3.24 -10.47
N LEU B 344 19.65 -4.03 -11.55
CA LEU B 344 20.34 -3.62 -12.77
C LEU B 344 19.63 -2.46 -13.44
N SER B 345 18.30 -2.38 -13.31
CA SER B 345 17.55 -1.30 -13.93
C SER B 345 17.78 0.02 -13.22
N THR B 346 18.04 -0.03 -11.92
CA THR B 346 18.32 1.19 -11.16
C THR B 346 19.78 1.61 -11.28
N PHE B 347 20.67 0.73 -11.74
CA PHE B 347 22.03 1.14 -12.04
C PHE B 347 22.08 1.97 -13.31
N GLY B 348 21.28 1.60 -14.32
CA GLY B 348 21.23 2.36 -15.55
C GLY B 348 20.52 3.68 -15.42
N GLY B 349 19.59 3.80 -14.45
CA GLY B 349 18.89 5.06 -14.26
C GLY B 349 19.76 6.13 -13.64
N VAL B 350 20.79 5.74 -12.91
CA VAL B 350 21.75 6.71 -12.38
C VAL B 350 22.89 6.92 -13.35
N ASN B 351 23.32 5.85 -14.02
CA ASN B 351 24.38 5.96 -15.02
C ASN B 351 23.91 6.70 -16.26
N GLY B 352 22.65 6.50 -16.66
CA GLY B 352 22.10 7.25 -17.75
C GLY B 352 21.71 8.67 -17.42
N SER B 353 21.70 9.03 -16.13
CA SER B 353 21.44 10.39 -15.72
C SER B 353 22.69 11.12 -15.28
N LEU B 354 23.86 10.49 -15.38
CA LEU B 354 25.11 11.20 -15.20
C LEU B 354 25.79 11.52 -16.54
N PHE B 355 25.34 10.93 -17.65
CA PHE B 355 25.67 11.49 -18.95
C PHE B 355 25.02 12.84 -19.15
N THR B 356 23.70 12.87 -19.06
CA THR B 356 22.91 14.05 -19.40
C THR B 356 23.01 15.15 -18.34
N SER B 357 23.56 14.86 -17.18
CA SER B 357 23.75 15.91 -16.18
C SER B 357 24.88 16.85 -16.56
N SER B 358 25.87 16.35 -17.31
CA SER B 358 27.03 17.15 -17.68
C SER B 358 26.83 17.89 -19.00
N ARG B 359 25.82 17.51 -19.80
CA ARG B 359 25.52 18.26 -21.01
C ARG B 359 24.90 19.61 -20.71
N LEU B 360 24.34 19.79 -19.52
CA LEU B 360 23.72 21.05 -19.13
C LEU B 360 24.70 21.97 -18.42
N PHE B 361 25.78 21.45 -17.86
CA PHE B 361 26.84 22.30 -17.35
C PHE B 361 27.67 22.89 -18.49
N PHE B 362 27.67 22.24 -19.66
CA PHE B 362 28.38 22.78 -20.81
C PHE B 362 27.65 23.99 -21.38
N ALA B 363 26.33 23.88 -21.56
CA ALA B 363 25.56 24.94 -22.20
C ALA B 363 25.38 26.14 -21.29
N GLY B 364 25.47 25.94 -19.98
CA GLY B 364 25.31 27.04 -19.05
C GLY B 364 26.54 27.91 -18.90
N ALA B 365 27.74 27.33 -19.02
CA ALA B 365 28.97 28.07 -18.80
C ALA B 365 29.34 28.95 -19.98
N ARG B 366 28.97 28.57 -21.20
CA ARG B 366 29.32 29.33 -22.39
C ARG B 366 28.34 30.48 -22.67
N GLU B 367 27.38 30.70 -21.78
CA GLU B 367 26.41 31.78 -21.95
C GLU B 367 26.47 32.83 -20.85
N GLY B 368 27.47 32.80 -19.98
CA GLY B 368 27.62 33.84 -18.97
C GLY B 368 27.45 33.36 -17.56
N HIS B 369 26.44 32.52 -17.32
CA HIS B 369 26.20 31.93 -16.02
C HIS B 369 27.20 30.80 -15.78
N LEU B 370 27.17 30.21 -14.57
CA LEU B 370 27.91 29.00 -14.20
C LEU B 370 29.41 29.09 -14.46
N PRO B 371 30.17 29.71 -13.55
CA PRO B 371 31.56 30.11 -13.81
C PRO B 371 32.46 28.97 -14.26
N SER B 372 33.48 29.35 -15.03
CA SER B 372 34.17 28.46 -15.97
C SER B 372 35.01 27.37 -15.32
N VAL B 373 35.00 27.24 -13.99
CA VAL B 373 35.60 26.06 -13.37
C VAL B 373 34.80 24.81 -13.73
N LEU B 374 33.49 24.94 -13.90
CA LEU B 374 32.69 23.89 -14.49
C LEU B 374 32.91 23.86 -16.00
N ALA B 375 32.31 22.85 -16.65
CA ALA B 375 32.36 22.64 -18.10
C ALA B 375 33.79 22.50 -18.63
N MET B 376 34.67 21.88 -17.85
CA MET B 376 36.03 21.58 -18.28
C MET B 376 36.13 20.09 -18.58
N ILE B 377 36.99 19.74 -19.53
CA ILE B 377 37.05 18.38 -20.08
C ILE B 377 38.49 17.86 -19.97
N HIS B 378 38.64 16.69 -19.35
CA HIS B 378 39.93 16.10 -19.01
C HIS B 378 40.78 15.86 -20.26
N VAL B 379 42.10 15.94 -20.08
CA VAL B 379 43.02 16.06 -21.21
C VAL B 379 43.26 14.73 -21.91
N LYS B 380 43.24 13.61 -21.19
CA LYS B 380 43.50 12.34 -21.84
C LYS B 380 42.22 11.68 -22.34
N ARG B 381 41.15 11.80 -21.57
CA ARG B 381 39.85 11.24 -21.89
C ARG B 381 38.80 12.34 -21.79
N CYS B 382 37.84 12.31 -22.71
CA CYS B 382 36.90 13.45 -22.86
C CYS B 382 35.82 13.46 -21.79
N THR B 383 36.20 13.59 -20.52
CA THR B 383 35.30 13.44 -19.38
C THR B 383 35.28 14.70 -18.54
N PRO B 384 34.11 15.23 -18.19
CA PRO B 384 34.05 16.37 -17.26
C PRO B 384 34.08 15.92 -15.81
N ILE B 385 35.16 16.22 -15.11
CA ILE B 385 35.23 15.91 -13.68
C ILE B 385 34.39 16.89 -12.84
N PRO B 386 34.59 18.22 -12.85
CA PRO B 386 33.87 19.04 -11.86
C PRO B 386 32.41 19.27 -12.16
N ALA B 387 31.92 18.83 -13.32
CA ALA B 387 30.49 18.77 -13.55
C ALA B 387 29.88 17.53 -12.91
N LEU B 388 30.65 16.44 -12.82
CA LEU B 388 30.17 15.25 -12.14
C LEU B 388 30.35 15.35 -10.63
N LEU B 389 31.28 16.19 -10.17
CA LEU B 389 31.47 16.38 -8.75
C LEU B 389 30.50 17.38 -8.15
N PHE B 390 29.61 17.97 -8.96
CA PHE B 390 28.57 18.83 -8.43
C PHE B 390 27.21 18.13 -8.38
N THR B 391 27.00 17.13 -9.23
CA THR B 391 25.84 16.26 -9.12
C THR B 391 26.10 15.05 -8.23
N CYS B 392 27.26 14.99 -7.59
CA CYS B 392 27.53 13.92 -6.64
C CYS B 392 27.56 14.45 -5.22
N ILE B 393 28.06 15.67 -5.03
CA ILE B 393 27.98 16.32 -3.73
C ILE B 393 26.55 16.72 -3.42
N SER B 394 25.85 17.29 -4.39
CA SER B 394 24.52 17.81 -4.13
C SER B 394 23.47 16.70 -4.13
N THR B 395 23.82 15.52 -4.62
CA THR B 395 22.89 14.39 -4.52
C THR B 395 22.97 13.74 -3.14
N LEU B 396 24.17 13.72 -2.55
CA LEU B 396 24.32 13.15 -1.21
C LEU B 396 23.67 14.05 -0.16
N LEU B 397 23.56 15.34 -0.44
CA LEU B 397 22.88 16.24 0.49
C LEU B 397 21.37 16.01 0.45
N MET B 398 20.84 15.62 -0.70
CA MET B 398 19.41 15.37 -0.80
C MET B 398 19.07 13.94 -0.36
N LEU B 399 20.08 13.08 -0.27
CA LEU B 399 19.81 11.66 -0.03
C LEU B 399 19.59 11.37 1.44
N VAL B 400 20.35 12.03 2.32
CA VAL B 400 20.37 11.62 3.72
C VAL B 400 19.16 12.16 4.47
N THR B 401 18.43 13.09 3.87
CA THR B 401 17.41 13.81 4.63
C THR B 401 16.09 13.05 4.70
N SER B 402 15.43 12.82 3.56
CA SER B 402 14.00 12.62 3.59
C SER B 402 13.61 11.31 2.92
N ASP B 403 12.29 11.09 2.86
CA ASP B 403 11.66 9.88 2.38
C ASP B 403 11.56 9.89 0.85
N MET B 404 11.58 8.70 0.26
CA MET B 404 11.62 8.58 -1.20
C MET B 404 10.30 9.00 -1.83
N TYR B 405 9.17 8.57 -1.27
CA TYR B 405 7.89 8.85 -1.91
C TYR B 405 7.44 10.31 -1.75
N THR B 406 7.97 11.02 -0.75
CA THR B 406 7.74 12.46 -0.67
C THR B 406 8.85 13.23 -1.35
N LEU B 407 9.85 12.55 -1.90
CA LEU B 407 10.85 13.21 -2.73
C LEU B 407 10.41 13.29 -4.18
N ILE B 408 9.56 12.36 -4.61
CA ILE B 408 8.98 12.42 -5.94
C ILE B 408 8.01 13.58 -6.05
N ASN B 409 7.30 13.90 -4.97
CA ASN B 409 6.47 15.10 -4.95
C ASN B 409 7.31 16.37 -4.94
N TYR B 410 8.57 16.29 -4.49
CA TYR B 410 9.44 17.44 -4.50
C TYR B 410 10.00 17.71 -5.90
N VAL B 411 10.24 16.66 -6.68
CA VAL B 411 10.64 16.84 -8.07
C VAL B 411 9.45 17.24 -8.92
N GLY B 412 8.39 16.43 -8.90
CA GLY B 412 7.29 16.53 -9.83
C GLY B 412 6.49 17.81 -9.75
N PHE B 413 6.58 18.53 -8.63
CA PHE B 413 5.97 19.85 -8.57
C PHE B 413 6.78 20.85 -9.38
N ILE B 414 8.08 20.98 -9.06
CA ILE B 414 8.92 21.96 -9.74
C ILE B 414 9.29 21.51 -11.15
N ASN B 415 9.12 20.22 -11.46
CA ASN B 415 9.34 19.77 -12.84
C ASN B 415 8.17 20.17 -13.73
N TYR B 416 6.96 20.22 -13.18
CA TYR B 416 5.83 20.71 -13.95
C TYR B 416 5.85 22.22 -14.10
N LEU B 417 6.51 22.91 -13.16
CA LEU B 417 6.45 24.37 -13.16
C LEU B 417 7.24 24.96 -14.32
N PHE B 418 8.31 24.30 -14.73
CA PHE B 418 9.04 24.70 -15.92
C PHE B 418 8.65 23.90 -17.15
N TYR B 419 7.84 22.86 -16.99
CA TYR B 419 7.16 22.28 -18.14
C TYR B 419 6.15 23.25 -18.73
N GLY B 420 5.55 24.09 -17.89
CA GLY B 420 4.52 25.00 -18.33
C GLY B 420 5.06 26.26 -19.01
N VAL B 421 6.17 26.80 -18.50
CA VAL B 421 6.69 28.05 -19.04
C VAL B 421 7.39 27.87 -20.38
N THR B 422 7.60 26.63 -20.82
CA THR B 422 8.09 26.43 -22.18
C THR B 422 6.94 26.22 -23.14
N VAL B 423 5.84 25.62 -22.67
CA VAL B 423 4.64 25.56 -23.50
C VAL B 423 3.96 26.92 -23.55
N ALA B 424 4.06 27.70 -22.45
CA ALA B 424 3.66 29.10 -22.52
C ALA B 424 4.57 29.90 -23.43
N GLY B 425 5.85 29.52 -23.51
CA GLY B 425 6.73 30.10 -24.50
C GLY B 425 6.39 29.68 -25.92
N GLN B 426 5.68 28.58 -26.09
CA GLN B 426 5.27 28.15 -27.43
C GLN B 426 4.06 28.91 -27.91
N ILE B 427 3.29 29.51 -26.99
CA ILE B 427 2.12 30.29 -27.40
C ILE B 427 2.46 31.77 -27.53
N VAL B 428 3.32 32.30 -26.65
CA VAL B 428 3.73 33.69 -26.75
C VAL B 428 4.69 33.91 -27.91
N LEU B 429 5.27 32.83 -28.46
CA LEU B 429 6.04 32.95 -29.70
C LEU B 429 5.11 32.89 -30.90
N ARG B 430 3.81 32.72 -30.67
CA ARG B 430 2.85 32.86 -31.75
C ARG B 430 2.14 34.20 -31.69
N TRP B 431 2.02 34.78 -30.49
CA TRP B 431 1.53 36.15 -30.39
C TRP B 431 2.60 37.14 -30.82
N LYS B 432 3.72 37.15 -30.12
CA LYS B 432 4.90 37.92 -30.51
C LYS B 432 5.67 37.10 -31.53
N LYS B 433 6.30 37.79 -32.48
CA LYS B 433 7.17 37.23 -33.52
C LYS B 433 6.48 36.18 -34.40
N PRO B 434 5.53 36.57 -35.26
CA PRO B 434 4.95 35.58 -36.18
C PRO B 434 5.74 35.49 -37.47
N ASP B 435 5.26 34.67 -38.41
CA ASP B 435 5.86 34.43 -39.73
C ASP B 435 7.30 33.93 -39.65
N ILE B 436 7.64 33.23 -38.58
CA ILE B 436 8.93 32.53 -38.50
C ILE B 436 8.80 31.19 -39.21
N PRO B 437 9.80 30.76 -40.01
CA PRO B 437 9.70 29.47 -40.71
C PRO B 437 9.58 28.27 -39.78
N ARG B 438 8.42 27.62 -39.83
CA ARG B 438 8.14 26.44 -39.02
C ARG B 438 7.84 25.26 -39.93
N PRO B 439 8.67 24.21 -39.91
CA PRO B 439 8.41 23.05 -40.77
C PRO B 439 7.15 22.29 -40.38
N ILE B 440 6.83 22.23 -39.10
CA ILE B 440 5.65 21.54 -38.59
C ILE B 440 4.92 22.47 -37.65
N LYS B 441 3.60 22.32 -37.57
CA LYS B 441 2.76 23.11 -36.68
C LYS B 441 1.71 22.22 -36.03
N ILE B 442 1.17 22.69 -34.91
CA ILE B 442 0.05 22.06 -34.25
C ILE B 442 -1.13 23.02 -34.26
N ASN B 443 -2.25 22.58 -33.68
CA ASN B 443 -3.40 23.46 -33.55
C ASN B 443 -3.11 24.56 -32.55
N LEU B 444 -3.75 25.72 -32.77
CA LEU B 444 -3.60 26.83 -31.83
C LEU B 444 -4.23 26.48 -30.48
N LEU B 445 -5.32 25.72 -30.51
CA LEU B 445 -6.03 25.27 -29.32
C LEU B 445 -5.46 23.97 -28.75
N PHE B 446 -4.36 23.48 -29.32
CA PHE B 446 -3.73 22.24 -28.85
C PHE B 446 -2.85 22.41 -27.62
N PRO B 447 -1.92 23.37 -27.51
CA PRO B 447 -1.15 23.46 -26.26
C PRO B 447 -1.90 24.11 -25.10
N ILE B 448 -3.11 24.61 -25.33
CA ILE B 448 -3.86 25.22 -24.24
C ILE B 448 -4.59 24.14 -23.44
N ILE B 449 -4.64 22.91 -23.98
CA ILE B 449 -5.07 21.77 -23.19
C ILE B 449 -4.01 21.44 -22.13
N TYR B 450 -2.73 21.50 -22.53
CA TYR B 450 -1.63 21.26 -21.60
C TYR B 450 -1.57 22.34 -20.53
N LEU B 451 -1.88 23.58 -20.89
CA LEU B 451 -1.88 24.65 -19.89
C LEU B 451 -3.10 24.57 -18.99
N LEU B 452 -4.18 23.98 -19.49
CA LEU B 452 -5.35 23.74 -18.65
C LEU B 452 -5.06 22.65 -17.63
N PHE B 453 -4.35 21.60 -18.06
CA PHE B 453 -4.01 20.51 -17.16
C PHE B 453 -2.90 20.90 -16.20
N TRP B 454 -2.05 21.86 -16.60
CA TRP B 454 -0.97 22.30 -15.73
C TRP B 454 -1.49 23.20 -14.62
N ALA B 455 -2.50 24.02 -14.92
CA ALA B 455 -3.02 24.95 -13.91
C ALA B 455 -3.88 24.23 -12.88
N PHE B 456 -4.63 23.21 -13.31
CA PHE B 456 -5.50 22.50 -12.39
C PHE B 456 -4.73 21.48 -11.56
N LEU B 457 -3.45 21.27 -11.88
CA LEU B 457 -2.65 20.34 -11.10
C LEU B 457 -1.72 21.09 -10.15
N LEU B 458 -1.27 22.28 -10.54
CA LEU B 458 -0.29 23.01 -9.74
C LEU B 458 -0.92 23.61 -8.50
N VAL B 459 -2.15 24.13 -8.62
CA VAL B 459 -2.77 24.79 -7.48
C VAL B 459 -3.38 23.75 -6.53
N PHE B 460 -3.63 22.54 -7.04
CA PHE B 460 -4.16 21.49 -6.18
C PHE B 460 -3.05 20.76 -5.45
N SER B 461 -1.84 20.74 -6.02
CA SER B 461 -0.70 20.15 -5.33
C SER B 461 -0.14 21.10 -4.29
N LEU B 462 -0.32 22.40 -4.49
CA LEU B 462 0.06 23.37 -3.46
C LEU B 462 -0.88 23.30 -2.27
N TRP B 463 -2.15 22.98 -2.52
CA TRP B 463 -3.12 22.89 -1.43
C TRP B 463 -2.94 21.60 -0.64
N SER B 464 -2.55 20.52 -1.30
CA SER B 464 -2.43 19.23 -0.63
C SER B 464 -1.21 19.17 0.26
N GLU B 465 -0.02 19.39 -0.32
CA GLU B 465 1.24 19.30 0.41
C GLU B 465 1.97 20.62 0.25
N PRO B 466 1.69 21.60 1.12
CA PRO B 466 2.30 22.92 0.94
C PRO B 466 3.74 23.00 1.41
N VAL B 467 4.16 22.06 2.26
CA VAL B 467 5.51 22.15 2.83
C VAL B 467 6.54 21.62 1.85
N VAL B 468 6.21 20.57 1.10
CA VAL B 468 7.17 20.00 0.15
C VAL B 468 7.21 20.84 -1.12
N CYS B 469 6.17 21.64 -1.36
CA CYS B 469 6.19 22.54 -2.51
C CYS B 469 6.60 23.95 -2.10
N GLY B 470 6.54 24.24 -0.80
CA GLY B 470 7.01 25.54 -0.34
C GLY B 470 8.51 25.64 -0.30
N ILE B 471 9.19 24.49 -0.18
CA ILE B 471 10.65 24.50 -0.22
C ILE B 471 11.13 24.37 -1.66
N GLY B 472 10.25 23.94 -2.56
CA GLY B 472 10.60 23.94 -3.97
C GLY B 472 10.55 25.33 -4.57
N LEU B 473 9.66 26.18 -4.06
CA LEU B 473 9.58 27.56 -4.54
C LEU B 473 10.53 28.47 -3.78
N ALA B 474 11.05 28.00 -2.64
CA ALA B 474 11.95 28.82 -1.85
C ALA B 474 13.34 28.87 -2.47
N ILE B 475 13.70 27.85 -3.24
CA ILE B 475 15.03 27.82 -3.84
C ILE B 475 15.03 28.57 -5.18
N MET B 476 13.86 28.67 -5.81
CA MET B 476 13.72 29.54 -6.97
C MET B 476 13.82 31.00 -6.57
N LEU B 477 13.23 31.35 -5.42
CA LEU B 477 13.35 32.72 -4.90
C LEU B 477 14.76 32.99 -4.39
N THR B 478 15.55 31.94 -4.16
CA THR B 478 16.96 32.15 -3.89
C THR B 478 17.74 32.40 -5.17
N GLY B 479 17.09 32.17 -6.33
CA GLY B 479 17.76 32.40 -7.59
C GLY B 479 17.92 33.87 -7.94
N VAL B 480 16.95 34.69 -7.55
CA VAL B 480 17.00 36.12 -7.92
C VAL B 480 18.06 36.94 -7.19
N PRO B 481 18.54 36.61 -5.97
CA PRO B 481 19.76 37.29 -5.50
C PRO B 481 21.04 36.76 -6.12
N VAL B 482 21.14 35.46 -6.41
CA VAL B 482 22.39 34.93 -6.94
C VAL B 482 22.50 35.23 -8.43
N TYR B 483 21.37 35.50 -9.10
CA TYR B 483 21.45 35.94 -10.48
C TYR B 483 21.91 37.38 -10.57
N PHE B 484 21.40 38.25 -9.69
CA PHE B 484 21.77 39.66 -9.73
C PHE B 484 23.20 39.88 -9.27
N LEU B 485 23.75 38.96 -8.46
CA LEU B 485 25.18 38.90 -8.23
C LEU B 485 25.91 38.23 -9.38
N GLY B 486 25.20 37.51 -10.24
CA GLY B 486 25.83 36.72 -11.28
C GLY B 486 26.28 37.49 -12.51
N VAL B 487 25.35 38.15 -13.21
CA VAL B 487 25.70 38.83 -14.44
C VAL B 487 25.43 40.34 -14.39
N TYR B 488 24.55 40.83 -13.52
CA TYR B 488 24.29 42.26 -13.45
C TYR B 488 25.21 42.99 -12.49
N TRP B 489 26.40 42.46 -12.23
CA TRP B 489 27.30 43.07 -11.27
C TRP B 489 28.35 43.91 -11.96
N GLN B 490 28.61 45.09 -11.40
CA GLN B 490 29.79 45.86 -11.78
C GLN B 490 31.03 45.10 -11.37
N HIS B 491 32.06 45.14 -12.23
CA HIS B 491 33.25 44.33 -12.07
C HIS B 491 34.31 45.01 -11.20
N LYS B 492 33.93 46.07 -10.48
CA LYS B 492 34.79 46.77 -9.51
C LYS B 492 35.26 45.97 -8.28
N PRO B 493 34.62 44.82 -7.82
CA PRO B 493 35.32 44.03 -6.79
C PRO B 493 36.57 43.34 -7.29
N LYS B 494 37.68 44.08 -7.35
CA LYS B 494 38.96 43.49 -7.70
C LYS B 494 39.43 42.49 -6.65
N CYS B 495 39.13 42.75 -5.38
CA CYS B 495 39.54 41.85 -4.31
C CYS B 495 38.69 40.58 -4.27
N PHE B 496 37.50 40.60 -4.88
CA PHE B 496 36.63 39.43 -4.85
C PHE B 496 36.66 38.62 -6.14
N SER B 497 37.00 39.24 -7.27
CA SER B 497 36.96 38.52 -8.54
C SER B 497 38.19 37.66 -8.76
N ASP B 498 39.33 38.02 -8.17
CA ASP B 498 40.51 37.16 -8.24
C ASP B 498 40.42 35.97 -7.30
N PHE B 499 39.45 35.97 -6.39
CA PHE B 499 39.12 34.76 -5.64
C PHE B 499 38.55 33.70 -6.58
N ILE B 500 37.80 34.11 -7.60
CA ILE B 500 37.26 33.19 -8.59
C ILE B 500 38.38 32.62 -9.45
N GLU B 501 39.35 33.46 -9.83
CA GLU B 501 40.52 32.98 -10.54
C GLU B 501 41.36 32.05 -9.67
N LEU B 502 41.46 32.34 -8.37
CA LEU B 502 42.21 31.46 -7.48
C LEU B 502 41.44 30.18 -7.20
N LEU B 503 40.10 30.25 -7.22
CA LEU B 503 39.31 29.03 -7.07
C LEU B 503 39.44 28.14 -8.30
N THR B 504 39.62 28.75 -9.48
CA THR B 504 39.65 27.98 -10.72
C THR B 504 40.98 27.26 -10.89
N LEU B 505 42.11 27.96 -10.74
CA LEU B 505 43.41 27.36 -11.03
C LEU B 505 43.81 26.30 -10.01
N VAL B 506 43.36 26.43 -8.75
CA VAL B 506 43.60 25.36 -7.78
C VAL B 506 42.77 24.14 -8.13
N SER B 507 41.54 24.34 -8.59
CA SER B 507 40.75 23.23 -9.13
C SER B 507 41.30 22.76 -10.47
N GLN B 508 42.01 23.63 -11.18
CA GLN B 508 42.68 23.26 -12.42
C GLN B 508 44.03 22.63 -12.20
N LYS B 509 44.54 22.61 -10.96
CA LYS B 509 45.81 21.97 -10.68
C LYS B 509 45.67 20.67 -9.89
N MET B 510 44.80 20.62 -8.86
CA MET B 510 44.60 19.37 -8.15
C MET B 510 43.77 18.40 -8.98
N CYS B 511 42.98 18.93 -9.91
CA CYS B 511 42.38 18.14 -10.98
C CYS B 511 42.90 18.71 -12.30
N VAL B 512 43.40 17.83 -13.16
CA VAL B 512 44.19 18.18 -14.34
C VAL B 512 43.29 18.65 -15.49
N VAL B 513 42.00 18.82 -15.21
CA VAL B 513 41.00 19.11 -16.23
C VAL B 513 41.22 20.48 -16.88
N VAL B 514 40.77 20.62 -18.13
CA VAL B 514 41.00 21.80 -18.99
C VAL B 514 39.69 22.08 -19.74
N TYR B 515 39.42 23.36 -20.01
CA TYR B 515 38.29 23.71 -20.85
C TYR B 515 38.44 23.12 -22.26
N PRO B 516 37.35 22.79 -22.92
CA PRO B 516 37.44 22.27 -24.30
C PRO B 516 37.92 23.32 -25.29
N GLU B 517 38.13 22.85 -26.53
CA GLU B 517 38.79 23.67 -27.54
C GLU B 517 37.88 24.80 -28.03
N VAL B 518 36.63 24.48 -28.32
CA VAL B 518 35.69 25.49 -28.78
C VAL B 518 35.17 26.30 -27.60
C1 NAG C . -33.73 5.37 17.47
C2 NAG C . -33.50 4.60 18.77
C3 NAG C . -34.63 4.92 19.76
C4 NAG C . -34.84 6.42 19.93
C5 NAG C . -34.95 7.11 18.56
C6 NAG C . -34.98 8.62 18.67
C7 NAG C . -32.64 2.36 19.23
C8 NAG C . -32.68 0.91 18.84
N2 NAG C . -33.42 3.18 18.52
O3 NAG C . -34.30 4.32 21.02
O4 NAG C . -36.06 6.65 20.61
O5 NAG C . -33.82 6.77 17.74
O6 NAG C . -36.22 9.14 18.19
O7 NAG C . -31.93 2.76 20.15
C1 NAG C . -35.90 7.01 21.98
C2 NAG C . -37.22 7.63 22.46
C3 NAG C . -37.15 7.95 23.95
C4 NAG C . -36.75 6.72 24.75
C5 NAG C . -35.43 6.15 24.21
C6 NAG C . -35.03 4.86 24.88
C7 NAG C . -38.57 8.87 20.84
C8 NAG C . -38.76 10.18 20.13
N2 NAG C . -37.55 8.81 21.69
O3 NAG C . -38.41 8.43 24.39
O4 NAG C . -36.59 7.05 26.12
O5 NAG C . -35.57 5.88 22.81
O6 NAG C . -34.11 4.12 24.07
O7 NAG C . -39.31 7.91 20.64
C1 NAG D . -8.25 -40.91 13.90
C2 NAG D . -6.82 -40.84 13.35
C3 NAG D . -5.98 -41.96 13.95
C4 NAG D . -6.07 -41.96 15.48
C5 NAG D . -7.53 -41.89 15.96
C6 NAG D . -7.65 -41.64 17.45
C7 NAG D . -5.93 -40.20 11.16
C8 NAG D . -6.05 -40.37 9.68
N2 NAG D . -6.80 -40.89 11.91
O3 NAG D . -4.62 -41.79 13.55
O4 NAG D . -5.41 -43.11 16.01
O5 NAG D . -8.22 -40.81 15.32
O6 NAG D . -9.00 -41.44 17.83
O7 NAG D . -5.09 -39.47 11.67
C1 NAG D . -5.99 -44.38 15.61
C2 NAG D . -4.90 -45.36 15.12
C3 NAG D . -5.51 -46.71 14.77
C4 NAG D . -6.34 -47.25 15.92
C5 NAG D . -7.38 -46.22 16.36
C6 NAG D . -8.15 -46.65 17.59
C7 NAG D . -2.83 -44.70 13.90
C8 NAG D . -2.06 -45.20 15.09
N2 NAG D . -4.17 -44.81 13.98
O3 NAG D . -4.48 -47.62 14.42
O4 NAG D . -7.00 -48.45 15.53
O5 NAG D . -6.72 -44.98 16.70
O6 NAG D . -9.15 -45.69 17.93
O7 NAG D . -2.28 -44.24 12.90
C1 NAG E . -27.74 -26.28 29.53
C2 NAG E . -27.55 -25.95 31.01
C3 NAG E . -28.24 -26.99 31.87
C4 NAG E . -29.72 -27.06 31.51
C5 NAG E . -29.90 -27.35 30.01
C6 NAG E . -31.33 -27.25 29.56
C7 NAG E . -25.66 -24.92 32.19
C8 NAG E . -24.18 -24.97 32.45
N2 NAG E . -26.14 -25.86 31.36
O3 NAG E . -28.10 -26.64 33.24
O4 NAG E . -30.41 -28.00 32.32
O5 NAG E . -29.15 -26.40 29.23
O6 NAG E . -32.10 -26.45 30.43
O7 NAG E . -26.38 -24.08 32.70
C1 NAG E . -30.00 -29.38 32.22
C2 NAG E . -29.83 -29.97 33.62
C3 NAG E . -29.51 -31.46 33.54
C4 NAG E . -30.54 -32.19 32.69
C5 NAG E . -30.65 -31.53 31.32
C6 NAG E . -31.74 -32.12 30.46
C7 NAG E . -28.95 -28.90 35.65
C8 NAG E . -27.78 -28.19 36.27
N2 NAG E . -28.80 -29.27 34.38
O3 NAG E . -29.48 -32.02 34.84
O4 NAG E . -30.15 -33.55 32.52
O5 NAG E . -30.97 -30.14 31.48
O6 NAG E . -32.96 -31.38 30.58
O7 NAG E . -29.98 -29.13 36.28
C1 NAG F . -1.91 -18.11 35.02
C2 NAG F . -1.68 -19.60 35.35
C3 NAG F . -0.23 -19.86 35.76
C4 NAG F . 0.33 -18.72 36.63
C5 NAG F . 0.16 -17.36 35.95
C6 NAG F . 1.47 -16.74 35.52
C7 NAG F . -3.02 -21.31 36.49
C8 NAG F . -3.95 -21.59 37.63
N2 NAG F . -2.60 -20.04 36.39
O3 NAG F . 0.57 -20.00 34.59
O4 NAG F . -0.35 -18.71 37.87
O5 NAG F . -0.65 -17.49 34.77
O6 NAG F . 1.37 -16.20 34.21
O7 NAG F . -2.67 -22.17 35.69
C1 NAG F . 0.46 -19.30 38.90
C2 NAG F . 0.76 -18.25 39.98
C3 NAG F . 1.55 -18.88 41.12
C4 NAG F . 0.82 -20.09 41.67
C5 NAG F . 0.54 -21.09 40.55
C6 NAG F . -0.28 -22.27 41.00
C7 NAG F . 1.23 -15.85 39.76
C8 NAG F . 2.08 -14.81 39.08
N2 NAG F . 1.48 -17.12 39.42
O3 NAG F . 1.74 -17.91 42.15
O4 NAG F . 1.60 -20.72 42.68
O5 NAG F . -0.21 -20.43 39.51
O6 NAG F . -0.17 -22.47 42.40
O7 NAG F . 0.36 -15.56 40.56
N TRP G . 14.21 12.85 -13.80
N TRP G . 11.34 7.59 -14.35
CA TRP G . 12.91 12.83 -14.46
CA TRP G . 12.70 7.85 -14.83
C TRP G . 12.00 13.93 -13.92
C TRP G . 13.56 6.59 -14.76
O TRP G . 12.50 14.77 -13.11
O TRP G . 13.09 5.53 -15.27
CB TRP G . 12.24 11.46 -14.28
CB TRP G . 13.35 8.97 -14.02
CG TRP G . 13.12 10.32 -14.68
CG TRP G . 13.36 10.30 -14.73
CD1 TRP G . 14.47 10.34 -14.84
CD1 TRP G . 12.31 11.14 -14.90
CD2 TRP G . 12.70 8.98 -14.96
CD2 TRP G . 14.49 10.91 -15.36
NE1 TRP G . 14.92 9.09 -15.21
NE1 TRP G . 12.71 12.26 -15.60
CE2 TRP G . 13.85 8.24 -15.30
CE2 TRP G . 14.05 12.14 -15.90
CE3 TRP G . 11.46 8.33 -14.98
CE3 TRP G . 15.83 10.55 -15.52
CZ2 TRP G . 13.81 6.89 -15.63
CZ2 TRP G . 14.89 13.00 -16.59
CZ3 TRP G . 11.41 6.99 -15.31
CZ3 TRP G . 16.67 11.41 -16.21
CH2 TRP G . 12.58 6.28 -15.63
CH2 TRP G . 16.20 12.62 -16.74
OXT TRP G . 10.79 13.93 -14.31
OXT TRP G . 14.69 6.69 -14.19
O13 3PH H . 46.75 12.00 -12.94
P 3PH H . 45.75 10.93 -13.29
O14 3PH H . 45.80 9.72 -12.39
O12 3PH H . 45.65 10.61 -14.76
O11 3PH H . 44.32 11.61 -12.95
C1 3PH H . 43.13 10.85 -13.13
C2 3PH H . 41.92 11.75 -12.96
O21 3PH H . 41.71 12.03 -11.58
C21 3PH H . 42.19 13.34 -11.20
O22 3PH H . 42.89 13.99 -11.97
C22 3PH H . 41.85 13.90 -9.84
C23 3PH H . 41.09 12.84 -9.04
C24 3PH H . 40.77 13.36 -7.65
C25 3PH H . 39.77 14.50 -7.71
C26 3PH H . 40.00 15.45 -6.56
C27 3PH H . 38.69 15.89 -5.90
C28 3PH H . 39.00 16.68 -4.64
C29 3PH H . 37.74 17.13 -3.91
C2A 3PH H . 38.13 17.83 -2.61
C2B 3PH H . 37.17 18.98 -2.29
C2C 3PH H . 37.80 19.92 -1.26
C2D 3PH H . 36.88 21.11 -0.96
C2E 3PH H . 36.54 21.89 -2.23
C2F 3PH H . 35.76 23.14 -1.88
C2G 3PH H . 35.12 23.76 -3.13
C2H 3PH H . 34.23 24.94 -2.73
C2I 3PH H . 33.42 25.42 -3.90
C3 3PH H . 40.68 11.04 -13.49
O31 3PH H . 40.12 10.25 -12.45
C31 3PH H . 38.96 9.42 -12.72
O32 3PH H . 38.70 9.13 -13.87
C32 3PH H . 38.09 8.93 -11.59
C33 3PH H . 37.58 10.12 -10.76
C34 3PH H . 37.95 9.92 -9.31
C35 3PH H . 37.22 10.90 -8.40
C36 3PH H . 35.76 10.51 -8.26
C37 3PH H . 35.09 11.31 -7.16
C38 3PH H . 33.64 10.91 -7.01
C39 3PH H . 32.90 11.85 -6.07
C3A 3PH H . 33.52 11.85 -4.68
C3B 3PH H . 32.66 12.66 -3.71
C3C 3PH H . 32.92 12.22 -2.28
C3D 3PH H . 31.92 12.86 -1.32
C3E 3PH H . 32.11 12.34 0.10
C3F 3PH H . 31.60 10.90 0.22
C3G 3PH H . 32.27 10.19 1.39
C3H 3PH H . 33.76 10.00 1.12
C3I 3PH H . 33.99 9.08 -0.05
O13 3PH I . 33.29 32.86 -14.70
P 3PH I . 32.62 34.19 -14.41
O14 3PH I . 33.51 35.23 -13.79
O12 3PH I . 31.75 34.69 -15.54
O11 3PH I . 31.56 33.84 -13.24
C1 3PH I . 30.89 34.89 -12.55
C2 3PH I . 29.90 34.29 -11.56
O21 3PH I . 30.50 33.18 -10.89
C21 3PH I . 30.63 33.39 -9.46
O22 3PH I . 30.58 34.52 -9.00
C22 3PH I . 30.85 32.20 -8.55
C23 3PH I . 30.69 32.64 -7.10
C24 3PH I . 31.04 31.51 -6.14
C25 3PH I . 30.07 31.49 -4.97
C26 3PH I . 28.68 31.09 -5.44
C27 3PH I . 27.60 31.39 -4.41
C28 3PH I . 27.93 30.75 -3.07
C29 3PH I . 26.77 30.89 -2.09
C2A 3PH I . 27.27 30.77 -0.66
C2B 3PH I . 27.98 32.05 -0.23
C2C 3PH I . 28.71 31.85 1.09
C2D 3PH I . 29.13 33.19 1.70
C2E 3PH I . 30.18 32.99 2.79
C2F 3PH I . 29.68 32.04 3.87
C2G 3PH I . 30.79 31.73 4.87
C2H 3PH I . 31.98 31.07 4.17
C2I 3PH I . 33.11 30.82 5.15
C3 3PH I . 28.68 33.78 -12.30
O31 3PH I . 27.86 33.06 -11.38
C31 3PH I . 26.51 32.69 -11.72
O32 3PH I . 26.06 33.01 -12.81
C32 3PH I . 25.65 31.93 -10.73
C33 3PH I . 26.31 30.60 -10.43
C34 3PH I . 26.77 30.54 -8.97
C35 3PH I . 27.92 29.56 -8.80
C36 3PH I . 27.54 28.16 -9.27
C37 3PH I . 28.67 27.18 -9.02
C38 3PH I . 28.89 26.98 -7.52
C39 3PH I . 30.11 26.12 -7.24
C3A 3PH I . 31.38 26.84 -7.70
C3B 3PH I . 32.59 25.95 -7.56
C3C 3PH I . 32.44 24.69 -8.41
C3D 3PH I . 33.64 23.76 -8.24
C3E 3PH I . 33.32 22.37 -8.77
C3F 3PH I . 34.17 21.30 -8.10
C3G 3PH I . 33.90 21.24 -6.61
C3H 3PH I . 32.46 20.86 -6.31
C3I 3PH I . 32.12 21.14 -4.86
#